data_7RD6
#
_entry.id   7RD6
#
_cell.length_a   1.00
_cell.length_b   1.00
_cell.length_c   1.00
_cell.angle_alpha   90.00
_cell.angle_beta   90.00
_cell.angle_gamma   90.00
#
_symmetry.space_group_name_H-M   'P 1'
#
loop_
_entity.id
_entity.type
_entity.pdbx_description
1 polymer 'Probable phospholipid-transporting ATPase NEO1'
2 non-polymer 'BERYLLIUM TRIFLUORIDE ION'
3 non-polymer 'MAGNESIUM ION'
#
_entity_poly.entity_id   1
_entity_poly.type   'polypeptide(L)'
_entity_poly.pdbx_seq_one_letter_code
;MPNPPSFKSHKQNLFNSNNNQHANSVDSFDLHLDDSFDAALDSLQINNNPEPLSKHNTVGDRESFEMRTVDDLDNFSNHS
SDSHRKSSNTDTHPLMYDNRLSQDDNFKFTNIASSPPSSSNNIFSKALSYLKVSNTKNWSKFGSPIELSDQHIEREIHPD
TTPVYDRNRYVSNELSNAKYNAVTFVPTLLYEQFKFFYNLYFLVVALSQAVPALRIGYLSSYIVPLAFVLTVTMAKEAID
DIQRRRRDRESNNELYHVITRNRSIPSKDLKVGDLIKVHKGDRIPADLVLLQSSEPSGESFIKTDQLDGETDWKLRVACP
LTQNLSENDLINRISITASAPEKSIHKFLGKVTYKDSTSNPLSVDNTLWANTVLASSGFCIACVVYTGRDTRQAMNTTTA
KVKTGLLELEINSISKILCACVFALSILLVAFAGFHNDDWYIDILRYLILFSTIIPVSLRVNLDLAKSVYAHQIEHDKTI
PETIVRTSTIPEDLGRIEYLLSDKTGTLTQNDMQLKKIHLGTVSYTSETLDIVSDYVQSLVSSKNDSLNNSKVALSTTRK
DMSFRVRDMILTLAICHNVTPTFEDDELTYQAASPDEIAIVKFTESVGLSLFKRDRHSISLLHEHSGKTLNYEILQVFPF
NSDSKRMGIIVRDEQLDEYWFMQKGADTVMSKIVESNDWLEEETGNMAREGLRTLVIGRKKLNKKIYEQFQKEYNDASLS
MLNRDQQMSQVITKYLEHDLELLGLTGVEDKLQKDVKSSIELLRNAGIKIWMLTGDKVETARCVSISAKLISRGQYVHTI
TKVTRPEGAFNQLEYLKINRNACLLIDGESLGMFLKHYEQEFFDVVVHLPTVIACRCTPQQKADVALVIRKMTGKRVCCI
GDGGNDVSMIQCADVGVGIVGKEGKQASLAADFSITQFCHLTELLLWHGRNSYKRSAKLAQFVMHRGLIIAICQAVYSIC
SLFEPIALYQGWLMVGYATCYTMAPVFSLTLDHDIEESLTKIYPELYKELTEGKSLSYKTFFVWVLLSLFQGSVIQLFSQ
AFTSLLDTDFTRMVAISFTALVVNELIMVALEIYTWNKTMLVTEIATLLFYIVSVPFLGDYFDLGYMTTVNYYAGLLVIL
LISIFPVWTAKAIYRRLHPPSYAKVQEFATP
;
_entity_poly.pdbx_strand_id   A
#
loop_
_chem_comp.id
_chem_comp.type
_chem_comp.name
_chem_comp.formula
BEF non-polymer 'BERYLLIUM TRIFLUORIDE ION' 'Be F3 -1'
MG non-polymer 'MAGNESIUM ION' 'Mg 2'
#
# COMPACT_ATOMS: atom_id res chain seq x y z
N GLU A 154 10.36 -24.13 23.35
CA GLU A 154 9.44 -24.41 24.46
C GLU A 154 9.14 -23.13 25.24
N ARG A 155 7.92 -23.06 25.79
CA ARG A 155 7.50 -21.90 26.57
C ARG A 155 6.43 -22.36 27.55
N GLU A 156 6.74 -22.36 28.83
CA GLU A 156 5.82 -22.79 29.87
C GLU A 156 5.27 -21.58 30.61
N ILE A 157 3.95 -21.52 30.76
CA ILE A 157 3.25 -20.36 31.30
C ILE A 157 2.36 -20.80 32.44
N HIS A 158 2.51 -20.16 33.60
CA HIS A 158 1.62 -20.35 34.73
C HIS A 158 0.76 -19.12 34.92
N PRO A 159 -0.57 -19.21 34.73
CA PRO A 159 -1.41 -18.00 34.83
C PRO A 159 -1.47 -17.39 36.22
N ASP A 160 -1.15 -18.14 37.27
CA ASP A 160 -1.28 -17.61 38.63
C ASP A 160 -0.07 -16.78 39.04
N THR A 161 1.13 -17.19 38.64
CA THR A 161 2.37 -16.53 39.07
C THR A 161 2.53 -15.23 38.29
N THR A 162 1.83 -14.20 38.76
CA THR A 162 1.80 -12.91 38.06
C THR A 162 3.16 -12.21 37.96
N PRO A 163 3.92 -12.01 39.05
CA PRO A 163 5.15 -11.19 38.91
C PRO A 163 6.21 -11.78 37.99
N VAL A 164 6.32 -13.11 37.92
CA VAL A 164 7.42 -13.73 37.19
C VAL A 164 7.34 -13.45 35.69
N TYR A 165 6.14 -13.17 35.16
CA TYR A 165 6.03 -12.67 33.80
C TYR A 165 5.79 -11.17 33.72
N ASP A 166 5.15 -10.57 34.72
CA ASP A 166 4.87 -9.13 34.65
C ASP A 166 6.16 -8.32 34.68
N ARG A 167 7.10 -8.69 35.56
CA ARG A 167 8.33 -7.91 35.69
C ARG A 167 9.28 -8.16 34.52
N ASN A 168 9.45 -9.42 34.13
CA ASN A 168 10.48 -9.78 33.16
C ASN A 168 10.09 -11.12 32.53
N ARG A 169 11.08 -11.78 31.91
CA ARG A 169 11.07 -13.12 31.32
C ARG A 169 10.35 -13.17 29.97
N TYR A 170 9.61 -12.14 29.58
CA TYR A 170 8.89 -12.21 28.32
C TYR A 170 8.69 -10.79 27.76
N VAL A 171 8.42 -10.74 26.46
CA VAL A 171 8.32 -9.49 25.73
C VAL A 171 7.00 -8.80 26.07
N SER A 172 7.07 -7.49 26.28
CA SER A 172 5.86 -6.71 26.52
C SER A 172 5.01 -6.66 25.27
N ASN A 173 3.70 -6.47 25.46
CA ASN A 173 2.76 -6.46 24.36
C ASN A 173 2.81 -5.19 23.52
N GLU A 174 3.59 -4.19 23.95
CA GLU A 174 3.71 -2.96 23.17
C GLU A 174 4.41 -3.23 21.85
N LEU A 175 3.86 -2.66 20.78
CA LEU A 175 4.45 -2.73 19.45
C LEU A 175 5.12 -1.41 19.12
N SER A 176 6.10 -1.48 18.23
CA SER A 176 6.90 -0.32 17.85
C SER A 176 6.84 -0.13 16.35
N ASN A 177 6.40 1.06 15.92
CA ASN A 177 6.45 1.44 14.51
C ASN A 177 7.45 2.55 14.21
N ALA A 178 7.76 3.40 15.19
CA ALA A 178 8.83 4.37 15.01
C ALA A 178 10.18 3.67 14.98
N LYS A 179 11.05 4.12 14.09
CA LYS A 179 12.31 3.43 13.87
C LYS A 179 13.46 4.01 14.68
N TYR A 180 13.48 5.33 14.86
CA TYR A 180 14.59 6.01 15.53
C TYR A 180 14.22 6.28 16.98
N ASN A 181 15.01 5.75 17.90
CA ASN A 181 14.89 6.08 19.30
C ASN A 181 15.69 7.35 19.59
N ALA A 182 15.70 7.78 20.86
CA ALA A 182 16.40 9.01 21.21
C ALA A 182 17.92 8.81 21.20
N VAL A 183 18.39 7.64 21.61
CA VAL A 183 19.82 7.43 21.78
C VAL A 183 20.54 7.26 20.44
N THR A 184 19.86 6.76 19.41
CA THR A 184 20.43 6.59 18.09
C THR A 184 19.66 7.41 17.06
N PHE A 185 19.30 8.64 17.41
CA PHE A 185 18.61 9.52 16.47
C PHE A 185 19.58 10.25 15.56
N VAL A 186 20.71 10.70 16.09
CA VAL A 186 21.71 11.38 15.27
C VAL A 186 22.59 10.43 14.46
N PRO A 187 23.13 9.32 14.98
CA PRO A 187 24.06 8.55 14.14
C PRO A 187 23.38 7.84 12.99
N THR A 188 22.22 7.21 13.25
CA THR A 188 21.50 6.51 12.19
C THR A 188 21.04 7.47 11.10
N LEU A 189 20.44 8.59 11.50
CA LEU A 189 19.94 9.55 10.51
C LEU A 189 21.07 10.20 9.73
N LEU A 190 22.17 10.56 10.41
CA LEU A 190 23.29 11.17 9.71
C LEU A 190 23.96 10.18 8.76
N TYR A 191 24.17 8.95 9.20
CA TYR A 191 24.81 7.95 8.35
C TYR A 191 23.90 7.50 7.22
N GLU A 192 22.58 7.63 7.37
CA GLU A 192 21.69 7.38 6.24
C GLU A 192 21.68 8.54 5.26
N GLN A 193 21.77 9.78 5.77
CA GLN A 193 21.70 10.95 4.92
C GLN A 193 23.01 11.27 4.23
N PHE A 194 24.13 10.71 4.69
CA PHE A 194 25.45 11.06 4.17
C PHE A 194 26.13 9.86 3.53
N LYS A 195 25.36 9.05 2.80
CA LYS A 195 25.92 8.12 1.83
C LYS A 195 25.84 8.68 0.42
N PHE A 196 24.75 9.36 0.09
CA PHE A 196 24.50 9.83 -1.25
C PHE A 196 25.35 11.06 -1.55
N PHE A 197 25.65 11.24 -2.83
CA PHE A 197 26.66 12.22 -3.21
C PHE A 197 26.16 13.65 -3.03
N TYR A 198 24.88 13.92 -3.26
CA TYR A 198 24.52 15.33 -3.32
C TYR A 198 24.29 15.92 -1.93
N ASN A 199 24.38 15.10 -0.88
CA ASN A 199 24.41 15.58 0.50
C ASN A 199 25.84 15.71 1.00
N LEU A 200 26.63 14.65 0.80
CA LEU A 200 28.04 14.67 1.17
C LEU A 200 28.77 15.79 0.46
N TYR A 201 28.33 16.16 -0.74
CA TYR A 201 29.01 17.18 -1.52
C TYR A 201 28.89 18.55 -0.86
N PHE A 202 27.67 18.97 -0.52
CA PHE A 202 27.52 20.26 0.12
C PHE A 202 28.00 20.23 1.57
N LEU A 203 27.99 19.05 2.21
CA LEU A 203 28.62 18.95 3.52
C LEU A 203 30.12 19.21 3.43
N VAL A 204 30.79 18.65 2.42
CA VAL A 204 32.21 18.90 2.22
C VAL A 204 32.45 20.35 1.84
N VAL A 205 31.56 20.94 1.05
CA VAL A 205 31.68 22.36 0.72
C VAL A 205 31.61 23.22 1.98
N ALA A 206 30.65 22.92 2.86
CA ALA A 206 30.54 23.66 4.11
C ALA A 206 31.75 23.46 5.01
N LEU A 207 32.26 22.23 5.10
CA LEU A 207 33.42 21.95 5.93
C LEU A 207 34.71 22.52 5.36
N SER A 208 34.71 22.86 4.06
CA SER A 208 35.91 23.44 3.45
C SER A 208 36.22 24.82 4.03
N GLN A 209 35.20 25.61 4.35
CA GLN A 209 35.39 26.97 4.82
C GLN A 209 36.01 27.03 6.21
N ALA A 210 36.11 25.90 6.92
CA ALA A 210 36.87 25.88 8.17
C ALA A 210 38.33 26.22 7.93
N VAL A 211 38.89 25.75 6.82
CA VAL A 211 40.27 26.11 6.45
C VAL A 211 40.28 27.58 6.01
N PRO A 212 41.15 28.41 6.59
CA PRO A 212 41.13 29.85 6.25
C PRO A 212 41.58 30.16 4.84
N ALA A 213 42.35 29.27 4.20
CA ALA A 213 42.79 29.54 2.84
C ALA A 213 41.66 29.45 1.83
N LEU A 214 40.71 28.55 2.06
CA LEU A 214 39.60 28.30 1.14
C LEU A 214 38.41 29.23 1.41
N ARG A 215 38.57 30.26 2.22
CA ARG A 215 37.47 31.14 2.59
C ARG A 215 37.01 31.93 1.38
N ILE A 216 35.86 31.56 0.83
CA ILE A 216 35.34 32.24 -0.35
C ILE A 216 34.65 33.55 0.05
N GLY A 217 34.16 33.65 1.28
CA GLY A 217 33.45 34.84 1.70
C GLY A 217 32.81 34.73 3.06
N TYR A 218 31.53 35.09 3.13
CA TYR A 218 30.82 35.11 4.40
C TYR A 218 30.74 33.72 5.01
N LEU A 219 30.91 33.65 6.33
CA LEU A 219 30.67 32.41 7.07
C LEU A 219 29.18 32.21 7.35
N SER A 220 28.38 33.26 7.21
CA SER A 220 26.94 33.21 7.38
C SER A 220 26.22 32.82 6.09
N SER A 221 26.90 32.15 5.17
CA SER A 221 26.30 31.65 3.95
C SER A 221 26.67 30.21 3.66
N TYR A 222 27.64 29.65 4.36
CA TYR A 222 28.08 28.28 4.15
C TYR A 222 27.87 27.40 5.38
N ILE A 223 27.50 27.97 6.52
CA ILE A 223 27.32 27.21 7.75
C ILE A 223 25.85 27.26 8.17
N VAL A 224 25.16 28.36 7.86
CA VAL A 224 23.76 28.48 8.21
C VAL A 224 22.85 27.62 7.31
N PRO A 225 23.09 27.41 6.00
CA PRO A 225 22.18 26.50 5.30
C PRO A 225 22.42 25.05 5.63
N LEU A 226 23.64 24.68 6.00
CA LEU A 226 23.89 23.33 6.50
C LEU A 226 23.15 23.09 7.81
N ALA A 227 23.19 24.09 8.71
CA ALA A 227 22.40 23.99 9.94
C ALA A 227 20.92 23.94 9.63
N PHE A 228 20.46 24.66 8.61
CA PHE A 228 19.05 24.67 8.26
C PHE A 228 18.59 23.32 7.71
N VAL A 229 19.40 22.69 6.84
CA VAL A 229 19.03 21.38 6.32
C VAL A 229 19.06 20.35 7.42
N LEU A 230 20.03 20.45 8.34
CA LEU A 230 20.07 19.50 9.45
C LEU A 230 18.85 19.67 10.35
N THR A 231 18.47 20.92 10.64
CA THR A 231 17.28 21.17 11.45
C THR A 231 16.02 20.64 10.78
N VAL A 232 15.88 20.88 9.47
CA VAL A 232 14.69 20.42 8.75
C VAL A 232 14.63 18.90 8.72
N THR A 233 15.76 18.23 8.49
CA THR A 233 15.77 16.77 8.45
C THR A 233 15.43 16.17 9.81
N MET A 234 16.07 16.65 10.87
CA MET A 234 15.73 16.15 12.20
C MET A 234 14.29 16.44 12.57
N ALA A 235 13.76 17.61 12.17
CA ALA A 235 12.36 17.91 12.44
C ALA A 235 11.43 16.96 11.70
N LYS A 236 11.73 16.67 10.44
CA LYS A 236 10.87 15.79 9.65
C LYS A 236 10.84 14.37 10.22
N GLU A 237 12.01 13.78 10.45
CA GLU A 237 12.00 12.43 11.02
C GLU A 237 11.58 12.40 12.49
N ALA A 238 11.75 13.48 13.26
CA ALA A 238 11.24 13.49 14.62
C ALA A 238 9.72 13.55 14.65
N ILE A 239 9.13 14.37 13.79
CA ILE A 239 7.68 14.41 13.66
C ILE A 239 7.17 13.05 13.20
N ASP A 240 7.87 12.42 12.25
CA ASP A 240 7.46 11.10 11.80
C ASP A 240 7.52 10.07 12.92
N ASP A 241 8.58 10.10 13.72
CA ASP A 241 8.72 9.14 14.81
C ASP A 241 7.65 9.34 15.89
N ILE A 242 7.40 10.59 16.27
CA ILE A 242 6.40 10.82 17.31
C ILE A 242 4.99 10.51 16.79
N GLN A 243 4.73 10.76 15.51
CA GLN A 243 3.42 10.42 14.95
C GLN A 243 3.26 8.90 14.83
N ARG A 244 4.33 8.18 14.52
CA ARG A 244 4.27 6.72 14.50
C ARG A 244 4.02 6.17 15.89
N ARG A 245 4.68 6.73 16.90
CA ARG A 245 4.44 6.30 18.28
C ARG A 245 3.00 6.59 18.69
N ARG A 246 2.48 7.75 18.33
CA ARG A 246 1.09 8.08 18.62
C ARG A 246 0.13 7.11 17.95
N ARG A 247 0.35 6.82 16.66
CA ARG A 247 -0.52 5.91 15.93
C ARG A 247 -0.47 4.51 16.55
N ASP A 248 0.71 4.09 17.01
CA ASP A 248 0.82 2.78 17.63
C ASP A 248 0.13 2.74 18.99
N ARG A 249 0.18 3.84 19.75
CA ARG A 249 -0.45 3.81 21.06
C ARG A 249 -1.95 4.00 21.02
N GLU A 250 -2.52 4.58 19.95
CA GLU A 250 -3.98 4.59 19.87
C GLU A 250 -4.57 3.21 19.62
N SER A 251 -3.77 2.23 19.23
CA SER A 251 -4.23 0.85 19.12
C SER A 251 -3.64 -0.05 20.19
N ASN A 252 -2.73 0.45 21.01
CA ASN A 252 -2.18 -0.29 22.14
C ASN A 252 -3.01 -0.16 23.41
N ASN A 253 -4.01 0.72 23.42
CA ASN A 253 -4.78 1.02 24.62
C ASN A 253 -6.18 0.40 24.59
N GLU A 254 -6.41 -0.58 23.73
CA GLU A 254 -7.71 -1.23 23.69
C GLU A 254 -7.91 -2.10 24.93
N LEU A 255 -9.09 -1.99 25.53
CA LEU A 255 -9.36 -2.62 26.82
C LEU A 255 -9.83 -4.06 26.65
N TYR A 256 -9.32 -4.94 27.50
CA TYR A 256 -9.68 -6.35 27.47
C TYR A 256 -9.90 -6.85 28.89
N HIS A 257 -11.01 -7.57 29.09
CA HIS A 257 -11.33 -8.13 30.40
C HIS A 257 -10.31 -9.18 30.79
N VAL A 258 -9.86 -9.13 32.05
CA VAL A 258 -8.91 -10.09 32.59
C VAL A 258 -9.54 -10.74 33.81
N ILE A 259 -9.47 -12.07 33.88
CA ILE A 259 -10.12 -12.80 34.97
C ILE A 259 -9.42 -12.54 36.29
N THR A 260 -8.09 -12.66 36.30
CA THR A 260 -7.35 -12.52 37.55
C THR A 260 -7.27 -11.06 37.99
N ARG A 261 -7.13 -10.13 37.04
CA ARG A 261 -7.01 -8.72 37.39
C ARG A 261 -8.33 -8.17 37.93
N ASN A 262 -9.46 -8.73 37.49
CA ASN A 262 -10.81 -8.28 37.87
C ASN A 262 -11.06 -6.83 37.48
N ARG A 263 -10.33 -6.32 36.50
CA ARG A 263 -10.50 -4.95 36.01
C ARG A 263 -9.91 -4.88 34.61
N SER A 264 -10.61 -4.20 33.71
CA SER A 264 -10.16 -4.10 32.33
C SER A 264 -8.86 -3.32 32.24
N ILE A 265 -7.90 -3.86 31.51
CA ILE A 265 -6.59 -3.24 31.35
C ILE A 265 -6.31 -3.09 29.86
N PRO A 266 -5.51 -2.10 29.44
CA PRO A 266 -5.30 -1.88 28.00
C PRO A 266 -4.40 -2.95 27.41
N SER A 267 -4.38 -2.97 26.07
CA SER A 267 -3.61 -3.97 25.35
C SER A 267 -2.11 -3.79 25.56
N LYS A 268 -1.65 -2.54 25.72
CA LYS A 268 -0.24 -2.31 26.02
C LYS A 268 0.14 -2.87 27.38
N ASP A 269 -0.79 -2.85 28.34
CA ASP A 269 -0.53 -3.37 29.67
C ASP A 269 -0.70 -4.88 29.76
N LEU A 270 -1.32 -5.50 28.75
CA LEU A 270 -1.48 -6.94 28.76
C LEU A 270 -0.12 -7.63 28.71
N LYS A 271 -0.01 -8.73 29.44
CA LYS A 271 1.20 -9.53 29.50
C LYS A 271 0.88 -10.93 28.98
N VAL A 272 1.83 -11.83 29.14
CA VAL A 272 1.65 -13.22 28.75
C VAL A 272 1.06 -14.00 29.91
N GLY A 273 0.02 -14.78 29.63
CA GLY A 273 -0.54 -15.69 30.62
C GLY A 273 -1.73 -15.19 31.40
N ASP A 274 -2.33 -14.07 31.03
CA ASP A 274 -3.49 -13.54 31.74
C ASP A 274 -4.77 -14.01 31.05
N LEU A 275 -5.69 -14.54 31.83
CA LEU A 275 -6.94 -15.10 31.30
C LEU A 275 -7.82 -13.98 30.77
N ILE A 276 -7.87 -13.84 29.45
CA ILE A 276 -8.65 -12.79 28.80
C ILE A 276 -9.97 -13.38 28.34
N LYS A 277 -11.07 -12.73 28.69
CA LYS A 277 -12.41 -13.12 28.24
C LYS A 277 -12.79 -12.17 27.12
N VAL A 278 -12.68 -12.64 25.88
CA VAL A 278 -12.94 -11.82 24.70
C VAL A 278 -14.35 -12.11 24.19
N HIS A 279 -15.05 -11.07 23.78
CA HIS A 279 -16.45 -11.16 23.39
C HIS A 279 -16.55 -11.58 21.91
N LYS A 280 -17.75 -11.46 21.35
CA LYS A 280 -17.98 -11.88 19.97
C LYS A 280 -17.31 -10.93 18.98
N GLY A 281 -17.73 -9.67 18.97
CA GLY A 281 -17.21 -8.72 18.00
C GLY A 281 -16.01 -7.95 18.49
N ASP A 282 -15.03 -8.63 19.08
CA ASP A 282 -13.86 -7.99 19.64
C ASP A 282 -12.59 -8.62 19.07
N ARG A 283 -11.64 -7.78 18.67
CA ARG A 283 -10.42 -8.24 18.04
C ARG A 283 -9.52 -8.92 19.06
N ILE A 284 -8.92 -10.03 18.65
CA ILE A 284 -8.13 -10.87 19.57
C ILE A 284 -6.86 -10.11 19.98
N PRO A 285 -6.54 -10.02 21.29
CA PRO A 285 -5.41 -9.19 21.71
C PRO A 285 -4.05 -9.68 21.24
N ALA A 286 -3.75 -10.95 21.48
CA ALA A 286 -2.45 -11.53 21.12
C ALA A 286 -2.69 -12.99 20.75
N ASP A 287 -1.64 -13.79 20.73
CA ASP A 287 -1.84 -15.19 20.41
C ASP A 287 -2.50 -15.93 21.56
N LEU A 288 -3.83 -16.01 21.53
CA LEU A 288 -4.60 -16.68 22.55
C LEU A 288 -4.59 -18.19 22.32
N VAL A 289 -4.99 -18.93 23.35
CA VAL A 289 -5.24 -20.37 23.24
C VAL A 289 -6.54 -20.66 23.96
N LEU A 290 -7.46 -21.36 23.28
CA LEU A 290 -8.78 -21.59 23.82
C LEU A 290 -8.73 -22.63 24.93
N LEU A 291 -9.25 -22.29 26.10
CA LEU A 291 -9.36 -23.23 27.21
C LEU A 291 -10.79 -23.43 27.69
N GLN A 292 -11.70 -22.52 27.37
CA GLN A 292 -13.10 -22.65 27.77
C GLN A 292 -13.95 -21.85 26.80
N SER A 293 -15.05 -22.44 26.33
CA SER A 293 -15.93 -21.80 25.37
C SER A 293 -17.35 -21.81 25.89
N SER A 294 -18.10 -20.76 25.51
CA SER A 294 -19.47 -20.60 25.99
C SER A 294 -20.38 -21.70 25.45
N GLU A 295 -20.15 -22.12 24.21
CA GLU A 295 -20.98 -23.17 23.63
C GLU A 295 -20.72 -24.50 24.33
N PRO A 296 -21.76 -25.31 24.57
CA PRO A 296 -21.56 -26.60 25.24
C PRO A 296 -20.66 -27.56 24.47
N SER A 297 -20.71 -27.51 23.14
CA SER A 297 -19.81 -28.35 22.34
C SER A 297 -18.36 -27.91 22.49
N GLY A 298 -18.12 -26.59 22.57
CA GLY A 298 -16.80 -26.06 22.71
C GLY A 298 -16.19 -25.50 21.43
N GLU A 299 -16.93 -25.51 20.32
CA GLU A 299 -16.40 -25.01 19.05
C GLU A 299 -16.55 -23.50 18.97
N SER A 300 -15.56 -22.86 18.37
CA SER A 300 -15.57 -21.42 18.16
C SER A 300 -14.99 -21.14 16.79
N PHE A 301 -15.65 -20.29 16.02
CA PHE A 301 -15.23 -20.00 14.64
C PHE A 301 -14.50 -18.66 14.64
N ILE A 302 -13.18 -18.74 14.58
CA ILE A 302 -12.36 -17.54 14.50
C ILE A 302 -12.33 -17.04 13.07
N LYS A 303 -12.14 -15.73 12.90
CA LYS A 303 -12.32 -15.06 11.62
C LYS A 303 -10.95 -14.51 11.18
N THR A 304 -10.18 -15.35 10.48
CA THR A 304 -8.80 -15.03 10.12
C THR A 304 -8.72 -14.24 8.81
N ASP A 305 -9.45 -13.13 8.72
CA ASP A 305 -9.45 -12.35 7.49
C ASP A 305 -8.21 -11.49 7.34
N GLN A 306 -7.43 -11.29 8.41
CA GLN A 306 -6.26 -10.43 8.36
C GLN A 306 -4.98 -11.07 8.89
N LEU A 307 -5.06 -12.14 9.68
CA LEU A 307 -3.86 -12.91 10.00
C LEU A 307 -3.27 -13.54 8.74
N ASP A 308 -4.10 -14.25 7.99
CA ASP A 308 -3.83 -14.65 6.62
C ASP A 308 -4.96 -14.15 5.74
N GLY A 309 -4.90 -14.49 4.46
CA GLY A 309 -5.90 -13.98 3.54
C GLY A 309 -7.16 -14.80 3.44
N GLU A 310 -7.31 -15.84 4.26
CA GLU A 310 -8.43 -16.76 4.11
C GLU A 310 -9.77 -16.07 4.33
N THR A 311 -10.72 -16.36 3.46
CA THR A 311 -12.05 -15.76 3.52
C THR A 311 -13.07 -16.63 4.25
N ASP A 312 -12.64 -17.77 4.79
CA ASP A 312 -13.52 -18.68 5.51
C ASP A 312 -13.19 -18.68 7.00
N TRP A 313 -14.21 -18.94 7.81
CA TRP A 313 -14.04 -19.00 9.26
C TRP A 313 -13.37 -20.31 9.64
N LYS A 314 -12.51 -20.27 10.64
CA LYS A 314 -11.70 -21.41 11.03
C LYS A 314 -12.31 -22.08 12.25
N LEU A 315 -12.53 -23.39 12.16
CA LEU A 315 -13.11 -24.14 13.27
C LEU A 315 -12.06 -24.32 14.35
N ARG A 316 -12.28 -23.68 15.50
CA ARG A 316 -11.39 -23.78 16.65
C ARG A 316 -12.19 -24.27 17.84
N VAL A 317 -11.93 -25.50 18.27
CA VAL A 317 -12.59 -26.08 19.43
C VAL A 317 -11.72 -25.85 20.65
N ALA A 318 -12.37 -25.73 21.81
CA ALA A 318 -11.64 -25.63 23.07
C ALA A 318 -11.01 -26.97 23.41
N CYS A 319 -10.08 -26.94 24.36
CA CYS A 319 -9.44 -28.18 24.80
C CYS A 319 -10.48 -29.04 25.50
N PRO A 320 -10.73 -30.27 25.04
CA PRO A 320 -11.84 -31.05 25.60
C PRO A 320 -11.69 -31.39 27.06
N LEU A 321 -10.47 -31.63 27.54
CA LEU A 321 -10.29 -32.03 28.94
C LEU A 321 -10.43 -30.85 29.89
N THR A 322 -10.13 -29.62 29.44
CA THR A 322 -10.06 -28.48 30.33
C THR A 322 -11.15 -27.44 30.08
N GLN A 323 -12.17 -27.76 29.27
CA GLN A 323 -13.26 -26.82 29.10
C GLN A 323 -14.20 -26.83 30.31
N ASN A 324 -14.42 -28.00 30.90
CA ASN A 324 -15.35 -28.11 32.01
C ASN A 324 -14.84 -27.43 33.28
N LEU A 325 -13.57 -27.08 33.34
CA LEU A 325 -13.00 -26.41 34.50
C LEU A 325 -13.35 -24.93 34.52
N ILE A 331 -13.51 -22.03 38.80
CA ILE A 331 -12.47 -22.10 37.79
C ILE A 331 -11.11 -22.36 38.44
N ASN A 332 -10.27 -23.13 37.75
CA ASN A 332 -8.96 -23.50 38.24
C ASN A 332 -7.88 -22.88 37.38
N ARG A 333 -6.64 -22.99 37.83
CA ARG A 333 -5.48 -22.46 37.14
C ARG A 333 -4.66 -23.62 36.60
N ILE A 334 -4.40 -23.60 35.29
CA ILE A 334 -3.73 -24.69 34.60
C ILE A 334 -2.57 -24.12 33.78
N SER A 335 -1.42 -24.78 33.87
CA SER A 335 -0.22 -24.33 33.17
C SER A 335 -0.32 -24.64 31.68
N ILE A 336 0.21 -23.72 30.87
CA ILE A 336 0.27 -23.89 29.42
C ILE A 336 1.73 -24.02 29.01
N THR A 337 2.04 -25.06 28.23
CA THR A 337 3.38 -25.27 27.71
C THR A 337 3.29 -25.39 26.20
N ALA A 338 3.75 -24.36 25.50
CA ALA A 338 3.79 -24.33 24.04
C ALA A 338 5.22 -24.32 23.56
N SER A 339 5.39 -24.61 22.27
CA SER A 339 6.71 -24.65 21.68
C SER A 339 7.21 -23.24 21.38
N ALA A 340 8.51 -23.15 21.08
CA ALA A 340 9.11 -21.87 20.75
C ALA A 340 8.53 -21.32 19.45
N PRO A 341 8.45 -20.00 19.29
CA PRO A 341 7.81 -19.45 18.10
C PRO A 341 8.59 -19.73 16.82
N GLU A 342 7.83 -19.82 15.72
CA GLU A 342 8.40 -19.90 14.38
C GLU A 342 7.58 -18.99 13.48
N LYS A 343 7.81 -19.11 12.17
CA LYS A 343 7.05 -18.38 11.18
C LYS A 343 5.85 -19.17 10.67
N SER A 344 5.59 -20.35 11.22
CA SER A 344 4.53 -21.23 10.75
C SER A 344 3.17 -20.63 11.13
N ILE A 345 2.50 -20.02 10.16
CA ILE A 345 1.18 -19.43 10.40
C ILE A 345 0.08 -20.48 10.39
N HIS A 346 0.39 -21.72 9.98
CA HIS A 346 -0.61 -22.78 9.93
C HIS A 346 -0.24 -23.97 10.81
N LYS A 347 0.72 -23.82 11.71
CA LYS A 347 1.16 -24.90 12.59
C LYS A 347 1.24 -24.39 14.01
N PHE A 348 0.72 -25.17 14.95
CA PHE A 348 0.79 -24.86 16.37
C PHE A 348 1.08 -26.15 17.12
N LEU A 349 2.02 -26.08 18.06
CA LEU A 349 2.39 -27.23 18.88
C LEU A 349 2.48 -26.81 20.34
N GLY A 350 2.07 -27.70 21.23
CA GLY A 350 2.13 -27.39 22.64
C GLY A 350 1.46 -28.47 23.46
N LYS A 351 1.32 -28.20 24.76
CA LYS A 351 0.65 -29.12 25.66
C LYS A 351 0.06 -28.35 26.83
N VAL A 352 -1.09 -28.81 27.32
CA VAL A 352 -1.75 -28.24 28.48
C VAL A 352 -1.50 -29.14 29.68
N THR A 353 -0.99 -28.56 30.76
CA THR A 353 -0.59 -29.30 31.94
C THR A 353 -1.62 -29.13 33.05
N TYR A 354 -2.03 -30.23 33.65
CA TYR A 354 -2.94 -30.25 34.79
C TYR A 354 -2.28 -31.02 35.94
N LYS A 355 -2.99 -31.13 37.05
CA LYS A 355 -2.47 -31.81 38.23
C LYS A 355 -2.42 -33.32 38.00
N ASP A 356 -1.68 -34.00 38.88
CA ASP A 356 -1.51 -35.46 38.86
C ASP A 356 -0.89 -35.96 37.56
N SER A 357 -0.10 -35.11 36.91
CA SER A 357 0.69 -35.46 35.72
C SER A 357 -0.21 -35.98 34.59
N THR A 358 -1.11 -35.11 34.14
CA THR A 358 -2.01 -35.43 33.03
C THR A 358 -1.72 -34.47 31.89
N SER A 359 -0.77 -34.84 31.05
CA SER A 359 -0.43 -34.02 29.89
C SER A 359 -1.52 -34.13 28.82
N ASN A 360 -1.76 -33.04 28.11
CA ASN A 360 -2.77 -32.98 27.08
C ASN A 360 -2.16 -32.50 25.77
N PRO A 361 -2.71 -32.93 24.62
CA PRO A 361 -2.18 -32.46 23.33
C PRO A 361 -2.81 -31.17 22.86
N LEU A 362 -1.98 -30.33 22.24
CA LEU A 362 -2.41 -29.08 21.65
C LEU A 362 -2.03 -29.07 20.18
N SER A 363 -2.77 -28.30 19.39
CA SER A 363 -2.52 -28.20 17.96
C SER A 363 -3.10 -26.89 17.45
N VAL A 364 -3.16 -26.75 16.12
CA VAL A 364 -3.73 -25.56 15.52
C VAL A 364 -5.23 -25.46 15.78
N ASP A 365 -5.89 -26.57 16.10
CA ASP A 365 -7.34 -26.59 16.23
C ASP A 365 -7.85 -25.93 17.52
N ASN A 366 -6.97 -25.57 18.45
CA ASN A 366 -7.38 -24.94 19.71
C ASN A 366 -6.52 -23.73 20.01
N THR A 367 -6.36 -22.84 19.01
CA THR A 367 -5.57 -21.63 19.20
C THR A 367 -6.19 -20.48 18.44
N LEU A 368 -5.87 -19.27 18.88
CA LEU A 368 -6.28 -18.03 18.23
C LEU A 368 -5.04 -17.16 18.09
N TRP A 369 -4.94 -16.46 16.96
CA TRP A 369 -3.72 -15.71 16.68
C TRP A 369 -4.01 -14.21 16.68
N ALA A 370 -2.97 -13.43 16.37
CA ALA A 370 -2.89 -12.03 16.78
C ALA A 370 -3.99 -11.14 16.23
N ASN A 371 -4.06 -10.95 14.92
CA ASN A 371 -5.06 -10.06 14.35
C ASN A 371 -6.36 -10.78 14.02
N THR A 372 -6.57 -11.98 14.57
CA THR A 372 -7.79 -12.74 14.35
C THR A 372 -8.96 -12.06 15.06
N VAL A 373 -10.17 -12.42 14.65
CA VAL A 373 -11.39 -11.98 15.32
C VAL A 373 -12.20 -13.21 15.68
N LEU A 374 -12.66 -13.28 16.92
CA LEU A 374 -13.47 -14.41 17.39
C LEU A 374 -14.90 -14.30 16.86
N ALA A 375 -15.57 -15.44 16.77
CA ALA A 375 -17.01 -15.49 16.57
C ALA A 375 -17.53 -16.77 17.22
N SER A 376 -18.79 -17.11 16.97
CA SER A 376 -19.43 -18.35 17.38
C SER A 376 -19.49 -18.54 18.89
N SER A 377 -19.61 -17.46 19.65
CA SER A 377 -19.75 -17.54 21.10
C SER A 377 -20.29 -16.21 21.61
N GLY A 378 -20.29 -16.04 22.92
CA GLY A 378 -20.52 -14.75 23.53
C GLY A 378 -19.27 -14.34 24.29
N PHE A 379 -18.53 -15.34 24.76
CA PHE A 379 -17.28 -15.13 25.46
C PHE A 379 -16.49 -16.44 25.42
N CYS A 380 -15.20 -16.34 25.75
CA CYS A 380 -14.36 -17.53 25.87
C CYS A 380 -13.16 -17.19 26.74
N ILE A 381 -12.76 -18.14 27.56
CA ILE A 381 -11.64 -17.95 28.49
C ILE A 381 -10.38 -18.45 27.78
N ALA A 382 -9.48 -17.53 27.45
CA ALA A 382 -8.29 -17.85 26.69
C ALA A 382 -7.07 -17.21 27.34
N CYS A 383 -6.01 -18.01 27.48
CA CYS A 383 -4.79 -17.59 28.15
C CYS A 383 -3.73 -17.27 27.11
N VAL A 384 -3.21 -16.04 27.14
CA VAL A 384 -2.26 -15.57 26.13
C VAL A 384 -0.95 -16.34 26.27
N VAL A 385 -0.41 -16.79 25.13
CA VAL A 385 0.80 -17.58 25.10
C VAL A 385 1.95 -16.83 24.43
N TYR A 386 1.71 -16.28 23.24
CA TYR A 386 2.70 -15.46 22.54
C TYR A 386 2.24 -14.01 22.54
N THR A 387 3.14 -13.10 22.90
CA THR A 387 2.83 -11.69 22.91
C THR A 387 4.03 -10.89 22.41
N GLY A 388 3.75 -9.71 21.87
CA GLY A 388 4.79 -8.81 21.40
C GLY A 388 5.36 -9.17 20.06
N ARG A 389 6.68 -9.34 20.00
CA ARG A 389 7.37 -9.70 18.76
C ARG A 389 7.58 -11.20 18.61
N ASP A 390 7.10 -12.00 19.57
CA ASP A 390 7.19 -13.45 19.47
C ASP A 390 5.96 -14.07 18.80
N THR A 391 5.00 -13.25 18.38
CA THR A 391 3.78 -13.77 17.80
C THR A 391 4.04 -14.32 16.39
N ARG A 392 3.14 -15.22 15.97
CA ARG A 392 3.17 -15.70 14.60
C ARG A 392 2.92 -14.59 13.59
N GLN A 393 2.20 -13.55 14.00
CA GLN A 393 2.00 -12.40 13.13
C GLN A 393 3.29 -11.59 12.97
N ALA A 394 3.98 -11.32 14.07
CA ALA A 394 5.19 -10.51 14.01
C ALA A 394 6.37 -11.27 13.42
N MET A 395 6.44 -12.58 13.62
CA MET A 395 7.54 -13.36 13.07
C MET A 395 7.49 -13.43 11.55
N ASN A 396 6.34 -13.16 10.94
CA ASN A 396 6.21 -13.13 9.49
C ASN A 396 6.47 -11.74 8.91
N THR A 397 6.83 -10.77 9.73
CA THR A 397 7.14 -9.42 9.27
C THR A 397 8.65 -9.21 9.28
N THR A 398 9.18 -8.81 8.13
CA THR A 398 10.60 -8.54 8.01
C THR A 398 10.93 -7.18 8.61
N THR A 399 12.22 -6.98 8.90
CA THR A 399 12.67 -5.71 9.46
C THR A 399 12.55 -4.60 8.43
N ALA A 400 11.98 -3.48 8.84
CA ALA A 400 11.78 -2.37 7.93
C ALA A 400 13.12 -1.71 7.56
N LYS A 401 13.23 -1.33 6.29
CA LYS A 401 14.43 -0.66 5.78
C LYS A 401 14.09 0.75 5.34
N VAL A 402 15.13 1.58 5.28
CA VAL A 402 14.96 2.96 4.81
C VAL A 402 14.66 2.95 3.32
N LYS A 403 13.79 3.87 2.90
CA LYS A 403 13.33 3.92 1.52
C LYS A 403 13.72 5.26 0.91
N THR A 404 14.48 5.21 -0.17
CA THR A 404 14.87 6.38 -0.94
C THR A 404 14.20 6.31 -2.30
N GLY A 405 13.57 7.40 -2.72
CA GLY A 405 12.89 7.41 -4.00
C GLY A 405 13.86 7.28 -5.15
N LEU A 406 13.32 6.87 -6.31
CA LEU A 406 14.17 6.77 -7.49
C LEU A 406 14.57 8.15 -7.99
N LEU A 407 13.72 9.15 -7.77
CA LEU A 407 14.10 10.53 -8.08
C LEU A 407 15.31 10.97 -7.26
N GLU A 408 15.45 10.45 -6.04
CA GLU A 408 16.65 10.72 -5.25
C GLU A 408 17.89 10.19 -5.95
N LEU A 409 17.80 8.97 -6.50
CA LEU A 409 18.94 8.39 -7.21
C LEU A 409 19.25 9.16 -8.49
N GLU A 410 18.21 9.60 -9.21
CA GLU A 410 18.44 10.40 -10.42
C GLU A 410 19.12 11.72 -10.07
N ILE A 411 18.69 12.36 -8.99
CA ILE A 411 19.33 13.59 -8.54
C ILE A 411 20.77 13.32 -8.13
N ASN A 412 21.01 12.17 -7.50
CA ASN A 412 22.37 11.81 -7.12
C ASN A 412 23.27 11.69 -8.34
N SER A 413 22.80 11.02 -9.39
CA SER A 413 23.61 10.84 -10.59
C SER A 413 23.88 12.16 -11.31
N ILE A 414 22.83 12.96 -11.53
CA ILE A 414 23.05 14.21 -12.24
C ILE A 414 23.82 15.21 -11.39
N SER A 415 23.79 15.08 -10.07
CA SER A 415 24.64 15.93 -9.23
C SER A 415 26.08 15.47 -9.26
N LYS A 416 26.32 14.15 -9.38
CA LYS A 416 27.67 13.66 -9.59
C LYS A 416 28.29 14.26 -10.84
N ILE A 417 27.56 14.20 -11.95
CA ILE A 417 28.14 14.74 -13.18
C ILE A 417 28.08 16.27 -13.23
N LEU A 418 27.20 16.91 -12.46
CA LEU A 418 27.31 18.35 -12.26
C LEU A 418 28.59 18.73 -11.54
N CYS A 419 28.97 17.96 -10.51
CA CYS A 419 30.24 18.17 -9.83
C CYS A 419 31.40 18.00 -10.80
N ALA A 420 31.34 16.97 -11.64
CA ALA A 420 32.38 16.79 -12.66
C ALA A 420 32.45 17.98 -13.61
N CYS A 421 31.29 18.50 -14.00
CA CYS A 421 31.24 19.63 -14.92
C CYS A 421 31.86 20.88 -14.31
N VAL A 422 31.51 21.19 -13.05
CA VAL A 422 32.05 22.41 -12.45
C VAL A 422 33.52 22.25 -12.11
N PHE A 423 33.97 21.01 -11.79
CA PHE A 423 35.40 20.79 -11.61
C PHE A 423 36.16 21.02 -12.92
N ALA A 424 35.59 20.55 -14.04
CA ALA A 424 36.22 20.78 -15.33
C ALA A 424 36.26 22.27 -15.66
N LEU A 425 35.17 22.99 -15.37
CA LEU A 425 35.15 24.44 -15.62
C LEU A 425 36.17 25.17 -14.77
N SER A 426 36.32 24.78 -13.50
CA SER A 426 37.32 25.38 -12.63
C SER A 426 38.73 25.12 -13.14
N ILE A 427 39.01 23.87 -13.56
CA ILE A 427 40.34 23.55 -14.09
C ILE A 427 40.60 24.35 -15.35
N LEU A 428 39.60 24.50 -16.21
CA LEU A 428 39.76 25.29 -17.42
C LEU A 428 40.07 26.74 -17.10
N LEU A 429 39.36 27.33 -16.13
CA LEU A 429 39.59 28.72 -15.78
C LEU A 429 40.99 28.93 -15.20
N VAL A 430 41.42 28.03 -14.31
CA VAL A 430 42.73 28.16 -13.70
C VAL A 430 43.84 27.96 -14.73
N ALA A 431 43.67 26.97 -15.62
CA ALA A 431 44.69 26.74 -16.64
C ALA A 431 44.76 27.89 -17.64
N PHE A 432 43.62 28.50 -17.96
CA PHE A 432 43.64 29.64 -18.87
C PHE A 432 44.23 30.87 -18.19
N ALA A 433 44.10 30.96 -16.86
CA ALA A 433 44.67 32.08 -16.13
C ALA A 433 46.19 32.12 -16.29
N GLY A 434 46.84 30.96 -16.29
CA GLY A 434 48.26 30.91 -16.57
C GLY A 434 49.07 30.18 -15.52
N PHE A 435 48.38 29.44 -14.64
CA PHE A 435 49.02 28.68 -13.56
C PHE A 435 49.88 29.58 -12.67
N HIS A 436 49.42 30.80 -12.44
CA HIS A 436 50.16 31.77 -11.64
C HIS A 436 49.75 31.64 -10.17
N ASN A 437 50.18 32.62 -9.35
CA ASN A 437 49.94 32.73 -7.92
C ASN A 437 50.62 31.63 -7.10
N ASP A 438 51.33 30.70 -7.75
CA ASP A 438 52.12 29.62 -7.14
C ASP A 438 51.28 28.58 -6.41
N ASP A 439 49.96 28.72 -6.36
CA ASP A 439 49.08 27.73 -5.74
C ASP A 439 47.94 27.43 -6.70
N TRP A 440 48.19 26.50 -7.63
CA TRP A 440 47.14 26.11 -8.57
C TRP A 440 46.08 25.24 -7.89
N TYR A 441 46.50 24.37 -6.97
CA TYR A 441 45.55 23.50 -6.29
C TYR A 441 44.65 24.30 -5.34
N ILE A 442 45.23 25.26 -4.61
CA ILE A 442 44.43 26.13 -3.77
C ILE A 442 43.43 26.91 -4.62
N ASP A 443 43.87 27.37 -5.79
CA ASP A 443 42.95 27.99 -6.73
C ASP A 443 41.80 27.06 -7.07
N ILE A 444 42.10 25.91 -7.70
CA ILE A 444 41.03 25.05 -8.24
C ILE A 444 40.06 24.62 -7.15
N LEU A 445 40.55 24.39 -5.93
CA LEU A 445 39.64 24.12 -4.82
C LEU A 445 38.77 25.33 -4.49
N ARG A 446 39.35 26.54 -4.46
CA ARG A 446 38.55 27.73 -4.17
C ARG A 446 37.49 27.96 -5.24
N TYR A 447 37.87 27.80 -6.50
CA TYR A 447 36.92 27.95 -7.61
C TYR A 447 35.82 26.90 -7.55
N LEU A 448 36.19 25.67 -7.19
CA LEU A 448 35.21 24.60 -7.10
C LEU A 448 34.20 24.87 -5.99
N ILE A 449 34.69 25.38 -4.85
CA ILE A 449 33.79 25.75 -3.76
C ILE A 449 32.89 26.91 -4.17
N LEU A 450 33.44 27.86 -4.94
CA LEU A 450 32.64 28.98 -5.42
C LEU A 450 31.50 28.52 -6.31
N PHE A 451 31.80 27.63 -7.26
CA PHE A 451 30.79 27.22 -8.23
C PHE A 451 29.79 26.23 -7.65
N SER A 452 30.18 25.45 -6.65
CA SER A 452 29.35 24.35 -6.19
C SER A 452 28.90 24.52 -4.74
N THR A 453 28.45 25.72 -4.38
CA THR A 453 27.84 25.93 -3.08
C THR A 453 26.44 26.52 -3.18
N ILE A 454 25.96 26.79 -4.39
CA ILE A 454 24.62 27.33 -4.57
C ILE A 454 23.62 26.28 -5.03
N ILE A 455 24.02 25.30 -5.84
CA ILE A 455 23.17 24.18 -6.21
C ILE A 455 23.06 23.14 -5.09
N PRO A 456 24.15 22.52 -4.60
CA PRO A 456 23.99 21.29 -3.82
C PRO A 456 23.30 21.48 -2.47
N VAL A 457 23.17 22.72 -1.98
CA VAL A 457 22.48 22.96 -0.73
C VAL A 457 21.08 23.54 -0.93
N SER A 458 20.83 24.29 -2.01
CA SER A 458 19.48 24.71 -2.32
C SER A 458 18.63 23.54 -2.78
N LEU A 459 19.26 22.55 -3.41
CA LEU A 459 18.56 21.34 -3.82
C LEU A 459 17.99 20.61 -2.61
N ARG A 460 18.75 20.55 -1.52
CA ARG A 460 18.29 19.83 -0.33
C ARG A 460 17.11 20.52 0.33
N VAL A 461 17.18 21.84 0.54
CA VAL A 461 16.06 22.54 1.15
C VAL A 461 14.82 22.44 0.26
N ASN A 462 15.00 22.60 -1.05
CA ASN A 462 13.85 22.55 -1.94
C ASN A 462 13.22 21.16 -1.95
N LEU A 463 14.04 20.11 -2.03
CA LEU A 463 13.52 18.75 -2.04
C LEU A 463 12.81 18.41 -0.73
N ASP A 464 13.41 18.77 0.41
CA ASP A 464 12.84 18.37 1.69
C ASP A 464 11.53 19.10 1.96
N LEU A 465 11.52 20.43 1.80
CA LEU A 465 10.28 21.13 2.06
C LEU A 465 9.23 20.87 0.99
N ALA A 466 9.63 20.51 -0.24
CA ALA A 466 8.65 20.09 -1.23
C ALA A 466 8.05 18.74 -0.87
N LYS A 467 8.85 17.83 -0.31
CA LYS A 467 8.30 16.56 0.15
C LYS A 467 7.32 16.77 1.30
N SER A 468 7.62 17.70 2.20
CA SER A 468 6.68 18.05 3.25
C SER A 468 5.39 18.61 2.68
N VAL A 469 5.50 19.47 1.65
CA VAL A 469 4.32 20.01 0.98
C VAL A 469 3.50 18.90 0.35
N TYR A 470 4.18 17.93 -0.30
CA TYR A 470 3.48 16.81 -0.92
C TYR A 470 2.74 15.97 0.11
N ALA A 471 3.38 15.71 1.25
CA ALA A 471 2.73 14.93 2.30
C ALA A 471 1.50 15.65 2.84
N HIS A 472 1.62 16.96 3.09
CA HIS A 472 0.47 17.71 3.57
C HIS A 472 -0.66 17.73 2.54
N GLN A 473 -0.32 17.90 1.26
CA GLN A 473 -1.34 17.97 0.23
C GLN A 473 -1.96 16.61 -0.06
N ILE A 474 -1.22 15.53 0.18
CA ILE A 474 -1.81 14.19 0.08
C ILE A 474 -2.80 13.96 1.22
N GLU A 475 -2.36 14.22 2.46
CA GLU A 475 -3.17 13.87 3.61
C GLU A 475 -4.23 14.91 3.96
N HIS A 476 -4.48 15.87 3.09
CA HIS A 476 -5.55 16.86 3.28
C HIS A 476 -6.38 16.99 2.02
N ASP A 477 -6.77 15.85 1.44
CA ASP A 477 -7.57 15.80 0.23
C ASP A 477 -8.98 15.33 0.56
N LYS A 478 -9.97 16.10 0.10
CA LYS A 478 -11.37 15.71 0.34
C LYS A 478 -11.78 14.51 -0.51
N THR A 479 -11.19 14.36 -1.70
CA THR A 479 -11.49 13.21 -2.54
C THR A 479 -11.02 11.91 -1.88
N ILE A 480 -9.92 11.96 -1.14
CA ILE A 480 -9.40 10.80 -0.44
C ILE A 480 -9.44 11.09 1.07
N PRO A 481 -10.59 10.91 1.72
CA PRO A 481 -10.67 11.23 3.15
C PRO A 481 -9.91 10.21 3.98
N GLU A 482 -9.41 10.70 5.12
CA GLU A 482 -8.73 9.89 6.13
C GLU A 482 -7.56 9.10 5.51
N THR A 483 -6.67 9.83 4.86
CA THR A 483 -5.44 9.27 4.32
C THR A 483 -4.25 9.81 5.09
N ILE A 484 -3.31 8.92 5.39
CA ILE A 484 -2.20 9.19 6.31
C ILE A 484 -0.90 8.96 5.57
N VAL A 485 0.02 9.91 5.68
CA VAL A 485 1.37 9.79 5.13
C VAL A 485 2.30 9.46 6.29
N ARG A 486 2.89 8.27 6.26
CA ARG A 486 3.74 7.80 7.34
C ARG A 486 5.22 7.79 7.01
N THR A 487 5.58 7.82 5.73
CA THR A 487 6.96 7.99 5.29
C THR A 487 6.95 9.13 4.28
N SER A 488 7.35 10.32 4.72
CA SER A 488 7.33 11.51 3.88
C SER A 488 8.56 11.64 2.98
N THR A 489 9.51 10.71 3.10
CA THR A 489 10.70 10.77 2.26
C THR A 489 10.41 10.31 0.83
N ILE A 490 9.30 9.62 0.59
CA ILE A 490 9.01 9.10 -0.74
C ILE A 490 7.58 9.41 -1.20
N PRO A 491 7.21 10.68 -1.39
CA PRO A 491 5.89 10.97 -1.97
C PRO A 491 5.87 11.09 -3.49
N GLU A 492 7.02 10.97 -4.16
CA GLU A 492 7.09 11.06 -5.61
C GLU A 492 7.33 9.71 -6.27
N ASP A 493 7.62 8.66 -5.51
CA ASP A 493 7.68 7.32 -6.08
C ASP A 493 6.33 6.86 -6.60
N LEU A 494 5.24 7.42 -6.08
CA LEU A 494 3.91 7.05 -6.55
C LEU A 494 3.69 7.46 -8.01
N GLY A 495 4.50 8.40 -8.52
CA GLY A 495 4.38 8.84 -9.89
C GLY A 495 5.01 7.96 -10.93
N ARG A 496 5.87 7.04 -10.52
CA ARG A 496 6.45 6.07 -11.45
C ARG A 496 6.32 4.69 -10.81
N ILE A 497 5.14 4.10 -10.96
CA ILE A 497 4.87 2.72 -10.56
C ILE A 497 4.46 1.96 -11.81
N GLU A 498 5.16 0.85 -12.08
CA GLU A 498 4.84 0.01 -13.23
C GLU A 498 4.37 -1.38 -12.85
N TYR A 499 4.66 -1.83 -11.63
CA TYR A 499 4.16 -3.11 -11.13
C TYR A 499 3.45 -2.88 -9.81
N LEU A 500 2.21 -3.34 -9.71
CA LEU A 500 1.43 -3.27 -8.48
C LEU A 500 1.11 -4.69 -8.03
N LEU A 501 1.31 -4.95 -6.74
CA LEU A 501 1.03 -6.25 -6.14
C LEU A 501 -0.08 -6.08 -5.11
N SER A 502 -1.28 -6.49 -5.46
CA SER A 502 -2.46 -6.28 -4.63
C SER A 502 -2.86 -7.57 -3.91
N ASP A 503 -3.63 -7.39 -2.85
CA ASP A 503 -4.22 -8.48 -2.09
C ASP A 503 -5.70 -8.59 -2.46
N LYS A 504 -6.37 -9.62 -1.96
CA LYS A 504 -7.74 -9.88 -2.37
C LYS A 504 -8.75 -9.60 -1.27
N THR A 505 -8.60 -10.22 -0.10
CA THR A 505 -9.58 -10.07 0.97
C THR A 505 -9.31 -8.80 1.77
N GLY A 506 -10.34 -7.99 1.93
CA GLY A 506 -10.17 -6.66 2.54
C GLY A 506 -9.68 -5.64 1.56
N THR A 507 -8.66 -6.00 0.76
CA THR A 507 -8.16 -5.10 -0.27
C THR A 507 -9.16 -4.97 -1.41
N LEU A 508 -9.47 -6.07 -2.09
CA LEU A 508 -10.42 -6.06 -3.19
C LEU A 508 -11.84 -6.42 -2.73
N THR A 509 -11.98 -7.53 -1.99
CA THR A 509 -13.27 -8.02 -1.58
C THR A 509 -13.60 -7.56 -0.17
N GLN A 510 -14.90 -7.28 0.06
CA GLN A 510 -15.37 -6.89 1.38
C GLN A 510 -15.41 -8.06 2.36
N ASN A 511 -15.18 -9.28 1.89
CA ASN A 511 -15.25 -10.50 2.70
C ASN A 511 -16.62 -10.66 3.36
N ASP A 512 -17.66 -10.30 2.61
CA ASP A 512 -19.05 -10.50 3.02
C ASP A 512 -19.81 -10.96 1.77
N MET A 513 -19.92 -12.27 1.60
CA MET A 513 -20.51 -12.83 0.39
C MET A 513 -22.01 -13.03 0.56
N GLN A 514 -22.74 -12.78 -0.52
CA GLN A 514 -24.19 -12.88 -0.56
C GLN A 514 -24.60 -13.72 -1.77
N LEU A 515 -25.54 -14.64 -1.55
CA LEU A 515 -26.09 -15.42 -2.66
C LEU A 515 -26.86 -14.50 -3.59
N LYS A 516 -26.31 -14.25 -4.77
CA LYS A 516 -26.90 -13.26 -5.67
C LYS A 516 -28.04 -13.85 -6.48
N LYS A 517 -27.79 -14.93 -7.22
CA LYS A 517 -28.77 -15.48 -8.14
C LYS A 517 -29.01 -16.96 -7.83
N ILE A 518 -30.28 -17.35 -7.81
CA ILE A 518 -30.67 -18.75 -7.74
C ILE A 518 -31.30 -19.12 -9.09
N HIS A 519 -30.82 -20.22 -9.66
CA HIS A 519 -31.25 -20.65 -10.98
C HIS A 519 -31.76 -22.08 -10.89
N LEU A 520 -32.95 -22.32 -11.44
CA LEU A 520 -33.55 -23.65 -11.39
C LEU A 520 -34.61 -23.75 -12.47
N GLY A 521 -34.63 -24.87 -13.17
CA GLY A 521 -35.64 -25.14 -14.18
C GLY A 521 -35.66 -24.15 -15.32
N THR A 522 -34.47 -23.82 -15.86
CA THR A 522 -34.27 -22.91 -16.98
C THR A 522 -34.79 -21.49 -16.71
N VAL A 523 -35.09 -21.15 -15.46
CA VAL A 523 -35.41 -19.79 -15.08
C VAL A 523 -34.56 -19.42 -13.87
N SER A 524 -34.30 -18.13 -13.71
CA SER A 524 -33.39 -17.65 -12.68
C SER A 524 -34.05 -16.57 -11.84
N TYR A 525 -33.84 -16.66 -10.53
CA TYR A 525 -34.29 -15.65 -9.58
C TYR A 525 -33.06 -15.05 -8.90
N THR A 526 -33.03 -13.73 -8.80
CA THR A 526 -31.91 -13.02 -8.22
C THR A 526 -32.34 -12.42 -6.88
N SER A 527 -31.44 -11.64 -6.27
CA SER A 527 -31.80 -10.88 -5.09
C SER A 527 -32.92 -9.90 -5.40
N GLU A 528 -32.86 -9.26 -6.56
CA GLU A 528 -33.99 -8.51 -7.07
C GLU A 528 -35.14 -9.46 -7.40
N THR A 529 -36.36 -8.98 -7.16
CA THR A 529 -37.60 -9.75 -7.34
C THR A 529 -37.54 -11.06 -6.51
N LEU A 530 -37.43 -10.86 -5.20
CA LEU A 530 -37.43 -11.95 -4.24
C LEU A 530 -38.81 -12.22 -3.67
N ASP A 531 -39.83 -11.47 -4.11
CA ASP A 531 -41.18 -11.71 -3.60
C ASP A 531 -41.76 -13.00 -4.13
N ILE A 532 -41.38 -13.41 -5.34
CA ILE A 532 -41.93 -14.61 -5.95
C ILE A 532 -41.53 -15.86 -5.17
N VAL A 533 -40.23 -15.97 -4.87
CA VAL A 533 -39.77 -17.11 -4.08
C VAL A 533 -40.32 -17.03 -2.66
N SER A 534 -40.60 -15.83 -2.16
CA SER A 534 -41.20 -15.68 -0.84
C SER A 534 -42.62 -16.25 -0.81
N ASP A 535 -43.45 -15.84 -1.77
CA ASP A 535 -44.82 -16.36 -1.81
C ASP A 535 -44.84 -17.83 -2.21
N TYR A 536 -43.78 -18.33 -2.85
CA TYR A 536 -43.68 -19.76 -3.08
C TYR A 536 -43.36 -20.51 -1.79
N VAL A 537 -42.45 -19.97 -0.97
CA VAL A 537 -42.01 -20.72 0.21
C VAL A 537 -43.04 -20.63 1.34
N GLN A 538 -43.84 -19.56 1.41
CA GLN A 538 -44.81 -19.49 2.49
C GLN A 538 -45.93 -20.51 2.32
N SER A 539 -46.14 -21.01 1.10
CA SER A 539 -47.13 -22.05 0.83
C SER A 539 -46.55 -23.45 0.99
N LEU A 540 -45.45 -23.60 1.72
CA LEU A 540 -44.87 -24.93 1.91
C LEU A 540 -45.71 -25.76 2.85
N VAL A 541 -46.30 -25.14 3.87
CA VAL A 541 -47.15 -25.84 4.82
C VAL A 541 -48.50 -25.15 4.93
N LYS A 560 -47.25 -23.90 -11.57
CA LYS A 560 -47.56 -25.28 -11.19
C LYS A 560 -46.33 -25.98 -10.63
N ASP A 561 -45.69 -26.80 -11.48
CA ASP A 561 -44.58 -27.64 -11.02
C ASP A 561 -43.39 -26.80 -10.56
N MET A 562 -43.18 -25.64 -11.19
CA MET A 562 -42.06 -24.79 -10.78
C MET A 562 -42.23 -24.28 -9.36
N SER A 563 -43.48 -24.17 -8.88
CA SER A 563 -43.70 -23.76 -7.50
C SER A 563 -43.16 -24.80 -6.52
N PHE A 564 -43.49 -26.08 -6.74
CA PHE A 564 -42.95 -27.13 -5.89
C PHE A 564 -41.45 -27.28 -6.06
N ARG A 565 -40.94 -27.05 -7.27
CA ARG A 565 -39.50 -27.09 -7.49
C ARG A 565 -38.78 -26.00 -6.68
N VAL A 566 -39.33 -24.79 -6.68
CA VAL A 566 -38.76 -23.70 -5.89
C VAL A 566 -38.87 -24.01 -4.39
N ARG A 567 -40.02 -24.55 -3.96
CA ARG A 567 -40.19 -24.92 -2.56
C ARG A 567 -39.15 -25.94 -2.12
N ASP A 568 -38.95 -26.97 -2.94
CA ASP A 568 -37.96 -27.98 -2.61
C ASP A 568 -36.55 -27.42 -2.67
N MET A 569 -36.30 -26.45 -3.55
CA MET A 569 -34.98 -25.83 -3.61
C MET A 569 -34.68 -25.05 -2.33
N ILE A 570 -35.64 -24.26 -1.87
CA ILE A 570 -35.46 -23.50 -0.64
C ILE A 570 -35.34 -24.44 0.56
N LEU A 571 -36.11 -25.53 0.55
CA LEU A 571 -36.00 -26.53 1.59
C LEU A 571 -34.59 -27.14 1.62
N THR A 572 -34.05 -27.46 0.45
CA THR A 572 -32.70 -27.98 0.36
C THR A 572 -31.67 -26.97 0.86
N LEU A 573 -31.82 -25.71 0.46
CA LEU A 573 -30.89 -24.68 0.89
C LEU A 573 -30.93 -24.50 2.40
N ALA A 574 -32.09 -24.73 3.02
CA ALA A 574 -32.21 -24.62 4.46
C ALA A 574 -31.86 -25.90 5.19
N ILE A 575 -31.69 -27.02 4.50
CA ILE A 575 -31.37 -28.30 5.13
C ILE A 575 -29.94 -28.74 4.87
N CYS A 576 -29.47 -28.63 3.62
CA CYS A 576 -28.21 -29.27 3.22
C CYS A 576 -26.97 -28.62 3.82
N HIS A 577 -27.09 -27.47 4.45
CA HIS A 577 -25.93 -26.71 4.92
C HIS A 577 -25.30 -27.38 6.14
N ASN A 578 -24.28 -26.74 6.69
CA ASN A 578 -23.64 -27.16 7.94
C ASN A 578 -23.60 -26.00 8.93
N VAL A 579 -24.54 -25.07 8.81
CA VAL A 579 -24.61 -23.92 9.69
C VAL A 579 -25.14 -24.34 11.05
N THR A 580 -24.45 -23.92 12.11
CA THR A 580 -24.87 -24.20 13.49
C THR A 580 -25.21 -22.88 14.17
N PRO A 581 -26.48 -22.50 14.26
CA PRO A 581 -26.82 -21.17 14.78
C PRO A 581 -26.75 -21.10 16.30
N THR A 582 -26.72 -19.87 16.79
CA THR A 582 -26.79 -19.57 18.22
C THR A 582 -27.81 -18.47 18.45
N PHE A 583 -28.30 -18.39 19.67
CA PHE A 583 -29.45 -17.56 20.00
C PHE A 583 -29.06 -16.36 20.86
N GLU A 584 -29.64 -15.21 20.55
CA GLU A 584 -29.50 -13.99 21.33
C GLU A 584 -30.89 -13.43 21.61
N ASP A 585 -30.96 -12.20 22.09
CA ASP A 585 -32.26 -11.56 22.32
C ASP A 585 -33.07 -11.47 21.04
N ASP A 586 -32.41 -11.06 19.95
CA ASP A 586 -33.03 -11.01 18.62
C ASP A 586 -31.91 -11.00 17.59
N GLU A 587 -32.31 -10.99 16.31
CA GLU A 587 -31.38 -10.87 15.18
C GLU A 587 -30.35 -12.01 15.20
N LEU A 588 -30.87 -13.21 14.97
CA LEU A 588 -30.08 -14.44 15.05
C LEU A 588 -28.88 -14.39 14.11
N THR A 589 -27.75 -14.86 14.60
CA THR A 589 -26.48 -14.86 13.87
C THR A 589 -26.06 -16.28 13.56
N TYR A 590 -25.55 -16.51 12.35
CA TYR A 590 -25.18 -17.84 11.91
C TYR A 590 -23.67 -18.05 12.02
N GLN A 591 -23.28 -19.32 12.14
CA GLN A 591 -21.87 -19.67 12.30
C GLN A 591 -21.61 -20.95 11.52
N ALA A 592 -20.68 -20.88 10.57
CA ALA A 592 -20.28 -22.05 9.80
C ALA A 592 -18.90 -21.81 9.21
N ALA A 593 -18.11 -22.89 9.11
CA ALA A 593 -16.75 -22.78 8.60
C ALA A 593 -16.70 -22.39 7.13
N SER A 594 -17.76 -22.68 6.37
CA SER A 594 -17.84 -22.29 4.97
C SER A 594 -18.88 -21.18 4.84
N PRO A 595 -18.48 -19.92 4.72
CA PRO A 595 -19.45 -18.81 4.75
C PRO A 595 -20.36 -18.75 3.53
N ASP A 596 -20.13 -19.57 2.50
CA ASP A 596 -21.11 -19.69 1.42
C ASP A 596 -22.42 -20.25 1.94
N GLU A 597 -22.34 -21.23 2.85
CA GLU A 597 -23.54 -21.75 3.50
C GLU A 597 -24.22 -20.70 4.36
N ILE A 598 -23.44 -19.83 4.99
CA ILE A 598 -24.01 -18.73 5.76
C ILE A 598 -24.75 -17.77 4.85
N ALA A 599 -24.18 -17.47 3.67
CA ALA A 599 -24.89 -16.67 2.68
C ALA A 599 -26.17 -17.37 2.23
N ILE A 600 -26.11 -18.70 2.09
CA ILE A 600 -27.28 -19.47 1.68
C ILE A 600 -28.40 -19.34 2.71
N VAL A 601 -28.07 -19.50 3.99
CA VAL A 601 -29.11 -19.48 5.01
C VAL A 601 -29.64 -18.06 5.24
N LYS A 602 -28.78 -17.05 5.10
CA LYS A 602 -29.27 -15.68 5.11
C LYS A 602 -30.21 -15.42 3.96
N PHE A 603 -29.91 -15.98 2.78
CA PHE A 603 -30.82 -15.89 1.65
C PHE A 603 -32.15 -16.56 1.95
N THR A 604 -32.11 -17.74 2.59
CA THR A 604 -33.34 -18.44 2.90
C THR A 604 -34.23 -17.64 3.84
N GLU A 605 -33.63 -17.03 4.88
CA GLU A 605 -34.46 -16.23 5.77
C GLU A 605 -34.91 -14.93 5.10
N SER A 606 -34.14 -14.41 4.14
CA SER A 606 -34.63 -13.26 3.39
C SER A 606 -35.80 -13.63 2.52
N VAL A 607 -35.83 -14.87 2.03
CA VAL A 607 -37.00 -15.38 1.33
C VAL A 607 -38.18 -15.54 2.30
N GLY A 608 -37.90 -15.97 3.52
CA GLY A 608 -38.94 -16.08 4.53
C GLY A 608 -38.81 -17.26 5.46
N LEU A 609 -38.18 -18.34 5.01
CA LEU A 609 -37.99 -19.53 5.83
C LEU A 609 -36.65 -19.40 6.56
N SER A 610 -36.69 -19.29 7.88
CA SER A 610 -35.51 -18.99 8.68
C SER A 610 -35.03 -20.24 9.40
N LEU A 611 -33.73 -20.51 9.27
CA LEU A 611 -33.11 -21.59 10.02
C LEU A 611 -33.06 -21.25 11.50
N PHE A 612 -33.26 -22.26 12.33
CA PHE A 612 -33.29 -22.12 13.79
C PHE A 612 -32.50 -23.27 14.38
N LYS A 613 -32.70 -23.53 15.67
CA LYS A 613 -31.81 -24.39 16.45
C LYS A 613 -31.57 -25.75 15.80
N ARG A 614 -30.31 -26.13 15.75
CA ARG A 614 -29.87 -27.37 15.11
C ARG A 614 -28.92 -28.08 16.07
N ASP A 615 -29.09 -29.39 16.21
CA ASP A 615 -28.32 -30.13 17.21
C ASP A 615 -26.92 -30.46 16.71
N ARG A 616 -26.83 -31.20 15.60
CA ARG A 616 -25.60 -31.59 14.91
C ARG A 616 -24.81 -32.63 15.71
N HIS A 617 -25.25 -32.92 16.94
CA HIS A 617 -24.77 -34.06 17.71
C HIS A 617 -25.86 -35.12 17.85
N SER A 618 -27.05 -34.72 18.28
CA SER A 618 -28.25 -35.49 18.06
C SER A 618 -28.85 -35.04 16.73
N ILE A 619 -30.09 -35.43 16.45
CA ILE A 619 -30.69 -35.21 15.13
C ILE A 619 -31.92 -34.32 15.29
N SER A 620 -31.78 -33.04 14.94
CA SER A 620 -32.88 -32.09 14.98
C SER A 620 -32.48 -30.81 14.26
N LEU A 621 -33.38 -30.31 13.42
CA LEU A 621 -33.23 -29.01 12.77
C LEU A 621 -34.58 -28.31 12.79
N LEU A 622 -34.62 -27.13 13.42
CA LEU A 622 -35.85 -26.34 13.52
C LEU A 622 -35.86 -25.25 12.48
N HIS A 623 -37.03 -25.01 11.88
CA HIS A 623 -37.19 -23.98 10.87
C HIS A 623 -38.60 -23.41 11.01
N GLU A 624 -38.73 -22.11 10.74
CA GLU A 624 -40.07 -21.54 10.68
C GLU A 624 -40.08 -20.32 9.79
N HIS A 625 -41.29 -19.91 9.43
CA HIS A 625 -41.54 -18.86 8.45
C HIS A 625 -42.82 -18.15 8.83
N SER A 626 -43.44 -17.45 7.87
CA SER A 626 -44.70 -16.77 8.13
C SER A 626 -45.82 -17.72 8.52
N GLY A 627 -45.69 -19.01 8.24
CA GLY A 627 -46.71 -19.97 8.61
C GLY A 627 -46.44 -20.66 9.95
N LYS A 628 -46.22 -21.97 9.90
CA LYS A 628 -46.07 -22.79 11.09
C LYS A 628 -44.64 -23.27 11.21
N THR A 629 -44.20 -23.54 12.44
CA THR A 629 -42.82 -23.95 12.68
C THR A 629 -42.57 -25.35 12.17
N LEU A 630 -41.60 -25.50 11.27
CA LEU A 630 -41.24 -26.78 10.70
C LEU A 630 -40.29 -27.53 11.65
N ASN A 631 -39.95 -28.76 11.27
CA ASN A 631 -39.02 -29.57 12.04
C ASN A 631 -38.49 -30.68 11.15
N TYR A 632 -37.16 -30.79 11.09
CA TYR A 632 -36.49 -31.83 10.32
C TYR A 632 -35.43 -32.47 11.19
N GLU A 633 -35.33 -33.78 11.13
CA GLU A 633 -34.24 -34.50 11.77
C GLU A 633 -33.40 -35.18 10.70
N ILE A 634 -32.09 -34.96 10.76
CA ILE A 634 -31.15 -35.62 9.86
C ILE A 634 -31.01 -37.07 10.28
N LEU A 635 -30.39 -37.88 9.42
CA LEU A 635 -30.17 -39.28 9.71
C LEU A 635 -28.70 -39.64 9.74
N GLN A 636 -27.92 -39.19 8.76
CA GLN A 636 -26.46 -39.19 8.86
C GLN A 636 -25.94 -38.14 7.90
N VAL A 637 -24.68 -37.74 8.11
CA VAL A 637 -24.10 -36.62 7.39
C VAL A 637 -22.82 -37.05 6.69
N PHE A 638 -22.49 -36.33 5.61
CA PHE A 638 -21.21 -36.48 4.93
C PHE A 638 -20.47 -35.16 5.00
N PRO A 639 -19.36 -35.06 5.72
CA PRO A 639 -18.66 -33.79 5.85
C PRO A 639 -18.07 -33.32 4.53
N PHE A 640 -17.99 -31.99 4.39
CA PHE A 640 -17.36 -31.38 3.22
C PHE A 640 -15.87 -31.68 3.22
N ASN A 641 -15.33 -31.95 2.04
CA ASN A 641 -13.92 -32.26 1.89
C ASN A 641 -13.34 -31.45 0.74
N SER A 642 -12.05 -31.13 0.86
CA SER A 642 -11.40 -30.28 -0.14
C SER A 642 -11.30 -30.97 -1.49
N ASP A 643 -10.79 -32.21 -1.50
CA ASP A 643 -10.65 -32.94 -2.76
C ASP A 643 -11.95 -33.54 -3.25
N SER A 644 -13.00 -33.55 -2.42
CA SER A 644 -14.29 -34.09 -2.81
C SER A 644 -15.23 -33.02 -3.36
N LYS A 645 -15.19 -31.81 -2.78
CA LYS A 645 -16.04 -30.69 -3.18
C LYS A 645 -17.52 -31.05 -3.12
N ARG A 646 -17.89 -31.86 -2.14
CA ARG A 646 -19.24 -32.39 -2.02
C ARG A 646 -19.75 -32.25 -0.59
N MET A 647 -21.05 -32.01 -0.46
CA MET A 647 -21.67 -31.87 0.84
C MET A 647 -23.11 -32.36 0.76
N GLY A 648 -23.41 -33.47 1.43
CA GLY A 648 -24.75 -34.05 1.37
C GLY A 648 -25.13 -34.74 2.65
N ILE A 649 -26.44 -34.70 2.95
CA ILE A 649 -27.01 -35.36 4.11
C ILE A 649 -28.30 -36.06 3.71
N ILE A 650 -28.73 -36.98 4.56
CA ILE A 650 -30.03 -37.65 4.43
C ILE A 650 -30.92 -37.14 5.55
N VAL A 651 -32.11 -36.67 5.19
CA VAL A 651 -32.99 -35.98 6.14
C VAL A 651 -34.40 -36.51 5.97
N ARG A 652 -35.16 -36.57 7.07
CA ARG A 652 -36.54 -37.00 7.04
C ARG A 652 -37.43 -35.94 7.69
N ASP A 653 -38.56 -35.67 7.06
CA ASP A 653 -39.49 -34.67 7.57
C ASP A 653 -40.28 -35.23 8.74
N GLU A 654 -40.51 -34.39 9.74
CA GLU A 654 -41.31 -34.81 10.89
C GLU A 654 -42.79 -34.87 10.53
N GLN A 655 -43.29 -33.89 9.78
CA GLN A 655 -44.71 -33.84 9.48
C GLN A 655 -45.10 -34.86 8.43
N LEU A 656 -44.27 -35.04 7.40
CA LEU A 656 -44.64 -35.88 6.27
C LEU A 656 -44.01 -37.27 6.29
N ASP A 657 -42.97 -37.47 7.10
CA ASP A 657 -42.29 -38.77 7.24
C ASP A 657 -41.79 -39.30 5.89
N GLU A 658 -41.08 -38.45 5.17
CA GLU A 658 -40.49 -38.81 3.88
C GLU A 658 -38.97 -38.70 3.95
N TYR A 659 -38.29 -39.69 3.39
CA TYR A 659 -36.84 -39.72 3.37
C TYR A 659 -36.34 -39.01 2.11
N TRP A 660 -35.58 -37.92 2.30
CA TRP A 660 -34.98 -37.19 1.20
C TRP A 660 -33.46 -37.22 1.35
N PHE A 661 -32.76 -37.72 0.34
CA PHE A 661 -31.32 -37.54 0.27
C PHE A 661 -31.04 -36.19 -0.36
N MET A 662 -30.28 -35.35 0.35
CA MET A 662 -30.30 -33.92 0.10
C MET A 662 -28.84 -33.53 -0.02
N GLN A 663 -28.36 -33.20 -1.22
CA GLN A 663 -26.92 -33.26 -1.43
C GLN A 663 -26.50 -32.19 -2.43
N LYS A 664 -25.32 -31.59 -2.21
CA LYS A 664 -24.87 -30.44 -2.99
C LYS A 664 -23.36 -30.47 -3.16
N GLY A 665 -22.89 -29.72 -4.15
CA GLY A 665 -21.46 -29.64 -4.40
C GLY A 665 -21.17 -28.88 -5.67
N ALA A 666 -19.95 -29.05 -6.17
CA ALA A 666 -19.44 -28.29 -7.30
C ALA A 666 -19.99 -28.80 -8.63
N ASP A 667 -19.84 -27.97 -9.67
CA ASP A 667 -20.42 -28.28 -10.98
C ASP A 667 -19.72 -29.45 -11.66
N THR A 668 -18.38 -29.44 -11.65
CA THR A 668 -17.63 -30.43 -12.40
C THR A 668 -17.78 -31.83 -11.80
N VAL A 669 -17.95 -31.92 -10.48
CA VAL A 669 -18.12 -33.21 -9.83
C VAL A 669 -19.45 -33.85 -10.24
N MET A 670 -20.48 -33.03 -10.44
CA MET A 670 -21.84 -33.52 -10.56
C MET A 670 -22.39 -33.51 -11.98
N SER A 671 -21.72 -32.86 -12.92
CA SER A 671 -22.26 -32.76 -14.27
C SER A 671 -22.42 -34.12 -14.92
N LYS A 672 -21.65 -35.11 -14.48
CA LYS A 672 -21.74 -36.48 -14.99
C LYS A 672 -22.54 -37.42 -14.11
N ILE A 673 -23.06 -36.94 -12.97
CA ILE A 673 -23.69 -37.84 -12.00
C ILE A 673 -25.07 -37.38 -11.55
N VAL A 674 -25.47 -36.14 -11.78
CA VAL A 674 -26.72 -35.65 -11.20
C VAL A 674 -27.94 -36.21 -11.94
N GLU A 675 -27.93 -36.16 -13.27
CA GLU A 675 -29.11 -36.48 -14.06
C GLU A 675 -28.68 -36.55 -15.53
N SER A 676 -29.67 -36.72 -16.40
CA SER A 676 -29.51 -36.68 -17.85
C SER A 676 -29.94 -35.33 -18.41
N ASN A 677 -29.67 -34.25 -17.68
CA ASN A 677 -30.10 -32.91 -18.04
C ASN A 677 -29.43 -32.44 -19.33
N ASP A 678 -29.86 -31.28 -19.80
CA ASP A 678 -29.33 -30.68 -21.01
C ASP A 678 -28.88 -29.24 -20.82
N TRP A 679 -29.56 -28.46 -19.99
CA TRP A 679 -29.31 -27.04 -19.85
C TRP A 679 -28.38 -26.69 -18.69
N LEU A 680 -27.81 -27.69 -18.01
CA LEU A 680 -26.98 -27.39 -16.85
C LEU A 680 -25.67 -26.70 -17.25
N GLU A 681 -24.95 -27.26 -18.22
CA GLU A 681 -23.59 -26.82 -18.51
C GLU A 681 -23.56 -25.38 -18.99
N GLU A 682 -24.53 -25.00 -19.83
CA GLU A 682 -24.59 -23.64 -20.34
C GLU A 682 -24.79 -22.63 -19.21
N GLU A 683 -25.66 -22.96 -18.25
CA GLU A 683 -25.92 -22.05 -17.15
C GLU A 683 -24.74 -21.99 -16.18
N THR A 684 -24.10 -23.14 -15.93
CA THR A 684 -22.91 -23.14 -15.09
C THR A 684 -21.81 -22.28 -15.70
N GLY A 685 -21.59 -22.40 -17.01
CA GLY A 685 -20.61 -21.56 -17.67
C GLY A 685 -21.00 -20.09 -17.66
N ASN A 686 -22.29 -19.81 -17.86
CA ASN A 686 -22.76 -18.44 -17.92
C ASN A 686 -22.54 -17.73 -16.59
N MET A 687 -22.85 -18.39 -15.47
CA MET A 687 -22.62 -17.75 -14.19
C MET A 687 -21.18 -17.85 -13.72
N ALA A 688 -20.41 -18.85 -14.18
CA ALA A 688 -18.99 -18.90 -13.80
C ALA A 688 -18.20 -17.83 -14.52
N ARG A 689 -18.66 -17.41 -15.71
CA ARG A 689 -18.06 -16.25 -16.37
C ARG A 689 -18.34 -14.95 -15.64
N GLU A 690 -19.29 -14.94 -14.70
CA GLU A 690 -19.55 -13.79 -13.85
C GLU A 690 -18.77 -13.86 -12.54
N GLY A 691 -17.93 -14.87 -12.36
CA GLY A 691 -17.15 -14.99 -11.15
C GLY A 691 -17.90 -15.46 -9.93
N LEU A 692 -19.03 -16.14 -10.12
CA LEU A 692 -19.83 -16.64 -9.01
C LEU A 692 -19.44 -18.08 -8.72
N ARG A 693 -19.18 -18.38 -7.44
CA ARG A 693 -18.82 -19.73 -7.03
C ARG A 693 -20.08 -20.59 -7.04
N THR A 694 -20.41 -21.09 -8.23
CA THR A 694 -21.65 -21.83 -8.42
C THR A 694 -21.59 -23.18 -7.71
N LEU A 695 -22.70 -23.56 -7.10
CA LEU A 695 -22.88 -24.88 -6.52
C LEU A 695 -24.13 -25.50 -7.16
N VAL A 696 -23.98 -26.67 -7.76
CA VAL A 696 -25.10 -27.37 -8.37
C VAL A 696 -25.73 -28.25 -7.29
N ILE A 697 -27.05 -28.37 -7.35
CA ILE A 697 -27.81 -28.90 -6.24
C ILE A 697 -28.39 -30.25 -6.66
N GLY A 698 -28.80 -31.05 -5.69
CA GLY A 698 -29.37 -32.35 -5.98
C GLY A 698 -30.24 -32.85 -4.85
N ARG A 699 -31.20 -33.69 -5.20
CA ARG A 699 -32.10 -34.30 -4.22
C ARG A 699 -32.57 -35.65 -4.74
N LYS A 700 -32.68 -36.62 -3.82
CA LYS A 700 -33.10 -37.97 -4.14
C LYS A 700 -34.18 -38.39 -3.14
N LYS A 701 -35.28 -38.93 -3.66
CA LYS A 701 -36.39 -39.39 -2.82
C LYS A 701 -36.16 -40.84 -2.43
N LEU A 702 -36.22 -41.12 -1.13
CA LEU A 702 -35.95 -42.45 -0.59
C LEU A 702 -37.08 -42.89 0.33
N ASN A 703 -37.05 -44.18 0.65
CA ASN A 703 -37.89 -44.79 1.67
C ASN A 703 -36.98 -45.38 2.76
N LYS A 704 -37.59 -46.14 3.67
CA LYS A 704 -36.88 -46.60 4.86
C LYS A 704 -35.92 -47.75 4.55
N LYS A 705 -36.45 -48.82 3.93
CA LYS A 705 -35.71 -50.09 3.82
C LYS A 705 -34.39 -49.91 3.10
N ILE A 706 -34.36 -49.05 2.08
CA ILE A 706 -33.10 -48.74 1.42
C ILE A 706 -32.16 -47.98 2.36
N TYR A 707 -32.71 -47.19 3.30
CA TYR A 707 -31.83 -46.51 4.25
C TYR A 707 -31.17 -47.50 5.18
N GLU A 708 -31.93 -48.42 5.80
CA GLU A 708 -31.16 -49.35 6.63
C GLU A 708 -30.38 -50.38 5.82
N GLN A 709 -30.66 -50.52 4.52
CA GLN A 709 -29.73 -51.25 3.66
C GLN A 709 -28.41 -50.51 3.53
N PHE A 710 -28.46 -49.19 3.39
CA PHE A 710 -27.24 -48.39 3.37
C PHE A 710 -26.51 -48.44 4.70
N GLN A 711 -27.26 -48.37 5.81
CA GLN A 711 -26.65 -48.30 7.13
C GLN A 711 -25.93 -49.58 7.52
N LYS A 712 -26.18 -50.69 6.82
CA LYS A 712 -25.53 -51.96 7.14
C LYS A 712 -24.04 -51.94 6.84
N GLU A 713 -23.59 -51.06 5.95
CA GLU A 713 -22.18 -50.96 5.60
C GLU A 713 -21.40 -50.22 6.69
N ILE A 732 -18.10 -48.61 -1.55
CA ILE A 732 -18.16 -47.68 -0.43
C ILE A 732 -19.08 -46.52 -0.77
N THR A 733 -18.54 -45.53 -1.49
CA THR A 733 -19.29 -44.35 -1.86
C THR A 733 -20.13 -44.54 -3.12
N LYS A 734 -20.04 -45.70 -3.76
CA LYS A 734 -20.81 -45.93 -4.99
C LYS A 734 -22.30 -46.04 -4.70
N TYR A 735 -22.67 -46.68 -3.60
CA TYR A 735 -24.08 -46.88 -3.30
C TYR A 735 -24.77 -45.57 -2.94
N LEU A 736 -24.07 -44.67 -2.23
CA LEU A 736 -24.66 -43.42 -1.79
C LEU A 736 -24.83 -42.40 -2.90
N GLU A 737 -24.30 -42.67 -4.10
CA GLU A 737 -24.47 -41.80 -5.26
C GLU A 737 -24.83 -42.66 -6.46
N HIS A 738 -26.14 -42.76 -6.74
CA HIS A 738 -26.63 -43.54 -7.86
C HIS A 738 -27.26 -42.65 -8.93
N ASP A 739 -28.24 -41.84 -8.56
CA ASP A 739 -28.88 -40.90 -9.47
C ASP A 739 -29.64 -39.88 -8.64
N LEU A 740 -29.55 -38.62 -9.05
CA LEU A 740 -30.19 -37.52 -8.34
C LEU A 740 -31.23 -36.87 -9.24
N GLU A 741 -31.81 -35.77 -8.75
CA GLU A 741 -32.74 -34.96 -9.52
C GLU A 741 -32.27 -33.52 -9.44
N LEU A 742 -31.93 -32.93 -10.58
CA LEU A 742 -31.38 -31.58 -10.61
C LEU A 742 -32.50 -30.57 -10.41
N LEU A 743 -32.59 -30.02 -9.20
CA LEU A 743 -33.52 -28.92 -8.97
C LEU A 743 -33.05 -27.66 -9.69
N GLY A 744 -31.78 -27.32 -9.52
CA GLY A 744 -31.19 -26.12 -10.09
C GLY A 744 -29.75 -25.95 -9.68
N LEU A 745 -29.32 -24.72 -9.43
CA LEU A 745 -28.00 -24.46 -8.86
C LEU A 745 -27.98 -23.07 -8.26
N THR A 746 -26.99 -22.84 -7.38
CA THR A 746 -26.88 -21.62 -6.61
C THR A 746 -25.74 -20.77 -7.17
N GLY A 747 -25.97 -19.46 -7.26
CA GLY A 747 -24.91 -18.55 -7.62
C GLY A 747 -24.52 -17.64 -6.47
N VAL A 748 -23.36 -17.88 -5.87
CA VAL A 748 -22.88 -17.15 -4.70
C VAL A 748 -21.76 -16.22 -5.14
N GLU A 749 -21.97 -14.92 -4.97
CA GLU A 749 -20.98 -13.93 -5.35
C GLU A 749 -20.09 -13.58 -4.16
N ASP A 750 -18.90 -13.10 -4.48
CA ASP A 750 -17.97 -12.56 -3.49
C ASP A 750 -17.95 -11.05 -3.68
N LYS A 751 -18.48 -10.32 -2.71
CA LYS A 751 -18.66 -8.89 -2.85
C LYS A 751 -17.31 -8.18 -2.93
N LEU A 752 -17.17 -7.30 -3.92
CA LEU A 752 -15.97 -6.49 -4.06
C LEU A 752 -16.13 -5.17 -3.33
N GLN A 753 -15.02 -4.48 -3.12
CA GLN A 753 -15.08 -3.17 -2.49
C GLN A 753 -15.58 -2.14 -3.51
N LYS A 754 -15.66 -0.88 -3.06
CA LYS A 754 -16.24 0.16 -3.90
C LYS A 754 -15.32 0.46 -5.08
N ASP A 755 -15.84 0.27 -6.29
CA ASP A 755 -15.17 0.62 -7.54
C ASP A 755 -13.82 -0.11 -7.68
N VAL A 756 -13.89 -1.43 -7.75
CA VAL A 756 -12.72 -2.21 -8.10
C VAL A 756 -12.64 -2.44 -9.61
N LYS A 757 -13.79 -2.55 -10.29
CA LYS A 757 -13.83 -2.60 -11.75
C LYS A 757 -13.08 -1.42 -12.38
N SER A 758 -13.54 -0.21 -12.09
CA SER A 758 -12.96 0.99 -12.70
C SER A 758 -11.51 1.17 -12.27
N SER A 759 -11.21 0.86 -11.00
CA SER A 759 -9.85 1.03 -10.51
C SER A 759 -8.88 0.10 -11.23
N ILE A 760 -9.24 -1.17 -11.36
CA ILE A 760 -8.38 -2.12 -12.06
C ILE A 760 -8.24 -1.74 -13.53
N GLU A 761 -9.35 -1.35 -14.17
CA GLU A 761 -9.30 -0.97 -15.58
C GLU A 761 -8.41 0.25 -15.80
N LEU A 762 -8.52 1.25 -14.92
CA LEU A 762 -7.72 2.46 -15.08
C LEU A 762 -6.26 2.22 -14.77
N LEU A 763 -5.98 1.40 -13.75
CA LEU A 763 -4.59 1.12 -13.41
C LEU A 763 -3.92 0.18 -14.39
N ARG A 764 -4.70 -0.58 -15.18
CA ARG A 764 -4.12 -1.33 -16.28
C ARG A 764 -4.06 -0.52 -17.57
N ASN A 765 -4.88 0.52 -17.70
CA ASN A 765 -4.77 1.46 -18.81
C ASN A 765 -3.62 2.44 -18.65
N ALA A 766 -3.02 2.49 -17.47
CA ALA A 766 -1.89 3.38 -17.19
C ALA A 766 -0.55 2.65 -17.24
N GLY A 767 -0.53 1.42 -17.74
CA GLY A 767 0.70 0.68 -17.88
C GLY A 767 1.18 -0.03 -16.64
N ILE A 768 0.42 0.01 -15.54
CA ILE A 768 0.81 -0.70 -14.34
C ILE A 768 0.33 -2.14 -14.46
N LYS A 769 1.26 -3.09 -14.35
CA LYS A 769 0.95 -4.51 -14.49
C LYS A 769 0.45 -5.03 -13.15
N ILE A 770 -0.87 -4.99 -12.97
CA ILE A 770 -1.47 -5.37 -11.70
C ILE A 770 -1.35 -6.87 -11.50
N TRP A 771 -0.83 -7.26 -10.34
CA TRP A 771 -0.81 -8.65 -9.93
C TRP A 771 -1.77 -8.83 -8.76
N MET A 772 -1.84 -10.06 -8.24
CA MET A 772 -2.75 -10.35 -7.13
C MET A 772 -2.17 -11.54 -6.38
N LEU A 773 -1.54 -11.27 -5.24
CA LEU A 773 -0.97 -12.30 -4.38
C LEU A 773 -1.76 -12.35 -3.09
N THR A 774 -2.22 -13.55 -2.72
CA THR A 774 -3.14 -13.70 -1.61
C THR A 774 -2.89 -15.07 -0.97
N GLY A 775 -3.12 -15.15 0.33
CA GLY A 775 -2.96 -16.41 1.05
C GLY A 775 -4.23 -17.21 1.14
N ASP A 776 -5.20 -16.89 0.28
CA ASP A 776 -6.52 -17.49 0.32
C ASP A 776 -6.55 -18.61 -0.72
N LYS A 777 -7.63 -19.39 -0.72
CA LYS A 777 -7.79 -20.54 -1.60
C LYS A 777 -7.78 -20.12 -3.08
N VAL A 778 -7.74 -21.13 -3.94
CA VAL A 778 -7.48 -20.95 -5.36
C VAL A 778 -8.74 -20.64 -6.16
N GLU A 779 -9.79 -21.45 -5.97
CA GLU A 779 -11.00 -21.31 -6.78
C GLU A 779 -11.69 -19.98 -6.53
N THR A 780 -11.78 -19.57 -5.25
CA THR A 780 -12.35 -18.26 -4.95
C THR A 780 -11.48 -17.13 -5.47
N ALA A 781 -10.16 -17.32 -5.51
CA ALA A 781 -9.28 -16.31 -6.11
C ALA A 781 -9.57 -16.16 -7.60
N ARG A 782 -9.75 -17.28 -8.31
CA ARG A 782 -10.10 -17.22 -9.72
C ARG A 782 -11.46 -16.55 -9.93
N CYS A 783 -12.43 -16.88 -9.06
CA CYS A 783 -13.76 -16.28 -9.18
C CYS A 783 -13.71 -14.78 -8.92
N VAL A 784 -12.91 -14.35 -7.94
CA VAL A 784 -12.75 -12.92 -7.68
C VAL A 784 -12.09 -12.23 -8.85
N SER A 785 -11.05 -12.87 -9.42
CA SER A 785 -10.35 -12.28 -10.56
C SER A 785 -11.27 -12.10 -11.76
N ILE A 786 -12.08 -13.12 -12.06
CA ILE A 786 -13.01 -13.01 -13.18
C ILE A 786 -14.11 -12.00 -12.87
N SER A 787 -14.57 -11.95 -11.62
CA SER A 787 -15.66 -11.06 -11.24
C SER A 787 -15.18 -9.64 -11.01
N ALA A 788 -13.87 -9.38 -11.02
CA ALA A 788 -13.33 -8.04 -10.93
C ALA A 788 -12.78 -7.54 -12.26
N LYS A 789 -13.03 -8.28 -13.35
CA LYS A 789 -12.48 -8.02 -14.68
C LYS A 789 -10.95 -7.99 -14.67
N LEU A 790 -10.35 -8.68 -13.71
CA LEU A 790 -8.90 -8.87 -13.75
C LEU A 790 -8.53 -9.85 -14.85
N ILE A 791 -9.46 -10.72 -15.23
CA ILE A 791 -9.35 -11.57 -16.41
C ILE A 791 -10.57 -11.30 -17.27
N SER A 792 -10.34 -10.78 -18.47
CA SER A 792 -11.43 -10.29 -19.31
C SER A 792 -12.07 -11.46 -20.07
N ARG A 793 -12.93 -11.13 -21.02
CA ARG A 793 -13.66 -12.14 -21.79
C ARG A 793 -12.69 -12.96 -22.63
N GLY A 794 -12.93 -14.27 -22.68
CA GLY A 794 -11.95 -15.17 -23.28
C GLY A 794 -10.66 -15.10 -22.47
N GLN A 795 -9.55 -14.92 -23.18
CA GLN A 795 -8.24 -14.63 -22.57
C GLN A 795 -7.84 -15.76 -21.60
N TYR A 796 -7.56 -16.91 -22.23
CA TYR A 796 -7.31 -18.17 -21.54
C TYR A 796 -6.34 -18.02 -20.38
N VAL A 797 -6.59 -18.79 -19.32
CA VAL A 797 -5.86 -18.69 -18.06
C VAL A 797 -5.10 -19.99 -17.83
N HIS A 798 -3.79 -19.88 -17.64
CA HIS A 798 -2.97 -21.04 -17.32
C HIS A 798 -2.85 -21.19 -15.81
N THR A 799 -2.49 -22.39 -15.35
CA THR A 799 -2.47 -22.69 -13.92
C THR A 799 -1.33 -23.64 -13.60
N ILE A 800 -0.62 -23.37 -12.50
CA ILE A 800 0.46 -24.21 -12.02
C ILE A 800 0.18 -24.56 -10.56
N THR A 801 0.33 -25.83 -10.21
CA THR A 801 0.24 -26.25 -8.81
C THR A 801 1.18 -27.43 -8.62
N LYS A 802 2.31 -27.19 -7.95
CA LYS A 802 3.32 -28.21 -7.72
C LYS A 802 3.12 -28.82 -6.34
N VAL A 803 3.47 -30.09 -6.21
CA VAL A 803 3.38 -30.81 -4.95
C VAL A 803 4.31 -30.20 -3.91
N ALA A 822 -2.53 -14.34 -22.87
CA ALA A 822 -2.73 -15.38 -21.86
C ALA A 822 -2.81 -14.77 -20.46
N CYS A 823 -2.76 -15.63 -19.45
CA CYS A 823 -2.78 -15.20 -18.06
C CYS A 823 -1.94 -16.16 -17.23
N LEU A 824 -1.97 -15.97 -15.92
CA LEU A 824 -1.32 -16.89 -15.00
C LEU A 824 -2.18 -17.03 -13.75
N LEU A 825 -2.05 -18.17 -13.08
CA LEU A 825 -2.71 -18.40 -11.80
C LEU A 825 -1.90 -19.49 -11.10
N ILE A 826 -1.06 -19.08 -10.15
CA ILE A 826 -0.05 -19.96 -9.59
C ILE A 826 -0.30 -20.15 -8.10
N ASP A 827 -0.03 -21.38 -7.64
CA ASP A 827 -0.10 -21.70 -6.23
C ASP A 827 1.11 -21.14 -5.49
N GLY A 828 0.98 -21.04 -4.17
CA GLY A 828 2.06 -20.49 -3.38
C GLY A 828 3.32 -21.35 -3.37
N GLU A 829 3.15 -22.67 -3.29
CA GLU A 829 4.30 -23.57 -3.29
C GLU A 829 5.04 -23.51 -4.63
N SER A 830 4.31 -23.45 -5.74
CA SER A 830 4.93 -23.38 -7.05
C SER A 830 5.73 -22.09 -7.21
N LEU A 831 5.12 -20.95 -6.84
CA LEU A 831 5.81 -19.68 -6.94
C LEU A 831 7.02 -19.62 -6.02
N GLY A 832 6.89 -20.17 -4.81
CA GLY A 832 8.01 -20.20 -3.89
C GLY A 832 9.17 -21.02 -4.40
N MET A 833 8.89 -22.21 -4.93
CA MET A 833 9.97 -23.05 -5.44
C MET A 833 10.59 -22.45 -6.70
N PHE A 834 9.77 -21.82 -7.55
CA PHE A 834 10.29 -21.16 -8.74
C PHE A 834 11.23 -20.02 -8.37
N LEU A 835 10.78 -19.11 -7.51
CA LEU A 835 11.66 -18.01 -7.10
C LEU A 835 12.79 -18.47 -6.20
N LYS A 836 12.75 -19.70 -5.69
CA LYS A 836 13.91 -20.26 -5.01
C LYS A 836 14.92 -20.84 -5.99
N HIS A 837 14.46 -21.40 -7.11
CA HIS A 837 15.35 -22.04 -8.07
C HIS A 837 15.39 -21.33 -9.42
N TYR A 838 14.26 -21.22 -10.11
CA TYR A 838 14.22 -20.69 -11.48
C TYR A 838 13.77 -19.24 -11.44
N GLU A 839 14.69 -18.35 -11.06
CA GLU A 839 14.35 -16.94 -10.91
C GLU A 839 14.25 -16.24 -12.26
N GLN A 840 15.36 -16.19 -13.00
CA GLN A 840 15.46 -15.34 -14.19
C GLN A 840 14.52 -15.81 -15.30
N GLU A 841 14.48 -17.12 -15.55
CA GLU A 841 13.68 -17.63 -16.66
C GLU A 841 12.19 -17.44 -16.42
N PHE A 842 11.73 -17.85 -15.22
CA PHE A 842 10.31 -17.69 -14.90
C PHE A 842 9.91 -16.23 -14.85
N PHE A 843 10.77 -15.37 -14.31
CA PHE A 843 10.42 -13.96 -14.26
C PHE A 843 10.43 -13.34 -15.65
N ASP A 844 11.30 -13.82 -16.54
CA ASP A 844 11.26 -13.36 -17.93
C ASP A 844 9.99 -13.83 -18.63
N VAL A 845 9.46 -14.99 -18.25
CA VAL A 845 8.18 -15.42 -18.81
C VAL A 845 7.04 -14.54 -18.31
N VAL A 846 7.01 -14.26 -17.00
CA VAL A 846 5.82 -13.63 -16.42
C VAL A 846 5.71 -12.13 -16.66
N VAL A 847 6.78 -11.46 -17.11
CA VAL A 847 6.69 -10.03 -17.35
C VAL A 847 5.87 -9.71 -18.58
N HIS A 848 5.66 -10.68 -19.48
CA HIS A 848 4.88 -10.44 -20.68
C HIS A 848 3.40 -10.80 -20.50
N LEU A 849 3.07 -11.63 -19.51
CA LEU A 849 1.68 -11.91 -19.22
C LEU A 849 1.02 -10.66 -18.62
N PRO A 850 -0.20 -10.32 -19.07
CA PRO A 850 -0.84 -9.10 -18.54
C PRO A 850 -1.08 -9.13 -17.04
N THR A 851 -1.44 -10.28 -16.48
CA THR A 851 -1.67 -10.43 -15.05
C THR A 851 -1.09 -11.75 -14.57
N VAL A 852 -0.50 -11.73 -13.39
CA VAL A 852 -0.06 -12.93 -12.69
C VAL A 852 -0.78 -12.97 -11.35
N ILE A 853 -1.42 -14.10 -11.05
CA ILE A 853 -2.24 -14.26 -9.87
C ILE A 853 -1.64 -15.37 -9.01
N ALA A 854 -1.40 -15.06 -7.74
CA ALA A 854 -0.84 -16.02 -6.80
C ALA A 854 -1.85 -16.32 -5.71
N CYS A 855 -1.83 -17.56 -5.23
CA CYS A 855 -2.75 -18.01 -4.20
C CYS A 855 -1.98 -18.82 -3.16
N ARG A 856 -2.49 -18.81 -1.93
CA ARG A 856 -1.94 -19.59 -0.81
C ARG A 856 -0.47 -19.26 -0.57
N CYS A 857 -0.18 -17.97 -0.43
CA CYS A 857 1.18 -17.49 -0.26
C CYS A 857 1.36 -16.91 1.14
N THR A 858 2.35 -17.41 1.87
CA THR A 858 2.82 -16.76 3.08
C THR A 858 3.36 -15.38 2.70
N PRO A 859 3.21 -14.36 3.57
CA PRO A 859 3.76 -13.02 3.27
C PRO A 859 5.21 -12.98 2.78
N GLN A 860 5.98 -14.01 3.11
CA GLN A 860 7.36 -14.09 2.62
C GLN A 860 7.42 -14.18 1.10
N GLN A 861 6.53 -14.98 0.49
CA GLN A 861 6.55 -15.08 -0.97
C GLN A 861 6.07 -13.79 -1.64
N LYS A 862 5.10 -13.09 -1.05
CA LYS A 862 4.69 -11.81 -1.63
C LYS A 862 5.81 -10.78 -1.51
N ALA A 863 6.50 -10.74 -0.37
CA ALA A 863 7.65 -9.86 -0.23
C ALA A 863 8.75 -10.22 -1.21
N ASP A 864 9.00 -11.52 -1.42
CA ASP A 864 10.03 -11.95 -2.35
C ASP A 864 9.63 -11.65 -3.79
N VAL A 865 8.34 -11.72 -4.12
CA VAL A 865 7.89 -11.33 -5.45
C VAL A 865 8.15 -9.84 -5.68
N ALA A 866 7.87 -9.02 -4.67
CA ALA A 866 8.17 -7.59 -4.79
C ALA A 866 9.67 -7.35 -4.96
N LEU A 867 10.49 -8.07 -4.18
CA LEU A 867 11.94 -7.94 -4.29
C LEU A 867 12.44 -8.35 -5.66
N VAL A 868 11.93 -9.46 -6.20
CA VAL A 868 12.36 -9.94 -7.51
C VAL A 868 11.93 -8.98 -8.61
N ILE A 869 10.72 -8.43 -8.51
CA ILE A 869 10.27 -7.48 -9.52
C ILE A 869 11.14 -6.23 -9.49
N ARG A 870 11.46 -5.72 -8.30
CA ARG A 870 12.28 -4.51 -8.26
C ARG A 870 13.76 -4.78 -8.44
N LYS A 871 14.19 -6.04 -8.44
CA LYS A 871 15.61 -6.36 -8.66
C LYS A 871 15.93 -6.76 -10.08
N MET A 872 15.14 -7.66 -10.69
CA MET A 872 15.44 -8.09 -12.04
C MET A 872 15.15 -6.99 -13.05
N THR A 873 14.05 -6.25 -12.87
CA THR A 873 13.73 -5.15 -13.76
C THR A 873 14.21 -3.79 -13.26
N GLY A 874 14.57 -3.68 -11.98
CA GLY A 874 14.99 -2.40 -11.45
C GLY A 874 13.89 -1.37 -11.40
N LYS A 875 12.64 -1.79 -11.33
CA LYS A 875 11.49 -0.90 -11.38
C LYS A 875 10.85 -0.75 -10.00
N ARG A 876 9.89 0.15 -9.92
CA ARG A 876 9.22 0.46 -8.66
C ARG A 876 7.99 -0.43 -8.48
N VAL A 877 7.84 -0.97 -7.28
CA VAL A 877 6.77 -1.90 -6.93
C VAL A 877 5.89 -1.24 -5.87
N CYS A 878 4.60 -1.12 -6.16
CA CYS A 878 3.63 -0.75 -5.15
C CYS A 878 2.98 -2.02 -4.60
N CYS A 879 2.63 -1.98 -3.31
CA CYS A 879 1.97 -3.12 -2.67
C CYS A 879 0.91 -2.59 -1.73
N ILE A 880 -0.35 -2.81 -2.08
CA ILE A 880 -1.49 -2.40 -1.27
C ILE A 880 -2.04 -3.64 -0.57
N GLY A 881 -2.60 -3.43 0.62
CA GLY A 881 -3.16 -4.52 1.37
C GLY A 881 -3.61 -4.05 2.73
N ASP A 882 -4.14 -4.99 3.51
CA ASP A 882 -4.51 -4.73 4.89
C ASP A 882 -4.28 -5.99 5.71
N GLY A 883 -4.02 -5.79 7.00
CA GLY A 883 -3.75 -6.92 7.87
C GLY A 883 -2.34 -7.45 7.71
N GLY A 884 -1.93 -8.32 8.61
CA GLY A 884 -0.55 -8.78 8.64
C GLY A 884 -0.18 -9.80 7.60
N ASN A 885 -1.10 -10.18 6.72
CA ASN A 885 -0.74 -11.07 5.61
C ASN A 885 0.03 -10.36 4.51
N ASP A 886 0.13 -9.03 4.57
CA ASP A 886 0.88 -8.29 3.55
C ASP A 886 1.70 -7.16 4.17
N VAL A 887 2.09 -7.28 5.43
CA VAL A 887 2.96 -6.26 6.02
C VAL A 887 4.36 -6.33 5.43
N SER A 888 4.90 -7.54 5.29
CA SER A 888 6.27 -7.70 4.80
C SER A 888 6.42 -7.19 3.38
N MET A 889 5.45 -7.49 2.52
CA MET A 889 5.52 -7.01 1.14
C MET A 889 5.30 -5.51 1.07
N ILE A 890 4.54 -4.95 2.00
CA ILE A 890 4.41 -3.50 2.10
C ILE A 890 5.75 -2.89 2.50
N GLN A 891 6.44 -3.51 3.47
CA GLN A 891 7.74 -3.01 3.90
C GLN A 891 8.81 -3.21 2.84
N CYS A 892 8.76 -4.34 2.13
CA CYS A 892 9.79 -4.66 1.15
C CYS A 892 9.49 -4.10 -0.24
N ALA A 893 8.39 -3.39 -0.42
CA ALA A 893 8.13 -2.75 -1.69
C ALA A 893 8.80 -1.39 -1.76
N ASP A 894 8.85 -0.84 -2.97
CA ASP A 894 9.33 0.53 -3.13
C ASP A 894 8.29 1.53 -2.64
N VAL A 895 7.01 1.13 -2.63
CA VAL A 895 5.95 1.89 -1.99
C VAL A 895 5.02 0.90 -1.30
N GLY A 896 4.72 1.15 -0.03
CA GLY A 896 3.74 0.37 0.71
C GLY A 896 2.49 1.20 0.97
N VAL A 897 1.32 0.59 0.75
CA VAL A 897 0.04 1.23 0.99
C VAL A 897 -0.79 0.32 1.88
N GLY A 898 -1.37 0.88 2.93
CA GLY A 898 -2.21 0.10 3.82
C GLY A 898 -3.68 0.47 3.72
N ILE A 899 -4.56 -0.39 4.22
CA ILE A 899 -6.00 -0.17 4.16
C ILE A 899 -6.57 -0.34 5.56
N VAL A 900 -7.43 0.60 5.96
CA VAL A 900 -8.11 0.55 7.25
C VAL A 900 -9.60 0.33 7.01
N GLY A 901 -10.33 0.10 8.10
CA GLY A 901 -11.77 -0.05 8.01
C GLY A 901 -12.34 -1.14 8.90
N LYS A 902 -11.48 -2.03 9.41
CA LYS A 902 -11.93 -3.13 10.23
C LYS A 902 -11.18 -3.12 11.57
N GLU A 903 -11.35 -4.19 12.35
CA GLU A 903 -10.78 -4.24 13.69
C GLU A 903 -9.27 -4.37 13.70
N GLY A 904 -8.65 -4.63 12.55
CA GLY A 904 -7.20 -4.67 12.47
C GLY A 904 -6.67 -3.72 11.41
N LYS A 905 -5.69 -2.89 11.78
CA LYS A 905 -5.11 -1.90 10.87
C LYS A 905 -3.59 -1.92 10.92
N GLN A 906 -3.01 -3.08 11.28
CA GLN A 906 -1.57 -3.14 11.51
C GLN A 906 -0.75 -3.00 10.24
N ALA A 907 -1.29 -3.43 9.09
CA ALA A 907 -0.61 -3.20 7.83
C ALA A 907 -0.52 -1.71 7.53
N SER A 908 -1.59 -0.97 7.81
CA SER A 908 -1.54 0.48 7.67
C SER A 908 -0.60 1.10 8.70
N LEU A 909 -0.46 0.48 9.87
CA LEU A 909 0.47 0.98 10.88
C LEU A 909 1.91 0.77 10.47
N ALA A 910 2.17 -0.23 9.63
CA ALA A 910 3.53 -0.51 9.16
C ALA A 910 3.77 -0.04 7.73
N ALA A 911 2.90 0.80 7.18
CA ALA A 911 2.97 1.16 5.77
C ALA A 911 3.49 2.58 5.59
N ASP A 912 3.86 2.88 4.34
CA ASP A 912 4.30 4.21 3.97
C ASP A 912 3.12 5.17 3.84
N PHE A 913 2.01 4.67 3.30
CA PHE A 913 0.78 5.43 3.14
C PHE A 913 -0.37 4.67 3.77
N SER A 914 -1.57 5.24 3.71
CA SER A 914 -2.75 4.58 4.26
C SER A 914 -3.97 5.20 3.63
N ILE A 915 -4.83 4.38 3.04
CA ILE A 915 -6.10 4.82 2.48
C ILE A 915 -7.19 3.88 2.99
N THR A 916 -8.42 4.37 3.00
CA THR A 916 -9.51 3.62 3.63
C THR A 916 -10.01 2.45 2.79
N GLN A 917 -9.73 2.43 1.48
CA GLN A 917 -10.21 1.37 0.62
C GLN A 917 -9.31 1.28 -0.61
N PHE A 918 -9.75 0.52 -1.61
CA PHE A 918 -8.99 0.31 -2.84
C PHE A 918 -9.27 1.35 -3.92
N CYS A 919 -10.44 2.00 -3.88
CA CYS A 919 -10.77 3.00 -4.88
C CYS A 919 -9.84 4.21 -4.82
N HIS A 920 -9.21 4.46 -3.66
CA HIS A 920 -8.38 5.63 -3.47
C HIS A 920 -6.97 5.47 -4.02
N LEU A 921 -6.54 4.24 -4.32
CA LEU A 921 -5.23 4.04 -4.92
C LEU A 921 -5.14 4.67 -6.31
N THR A 922 -6.28 4.79 -7.00
CA THR A 922 -6.30 5.44 -8.30
C THR A 922 -5.86 6.90 -8.19
N GLU A 923 -6.42 7.63 -7.23
CA GLU A 923 -6.01 9.02 -7.03
C GLU A 923 -4.65 9.12 -6.36
N LEU A 924 -4.28 8.13 -5.54
CA LEU A 924 -2.99 8.18 -4.87
C LEU A 924 -1.84 7.97 -5.84
N LEU A 925 -2.03 7.17 -6.88
CA LEU A 925 -0.97 6.90 -7.85
C LEU A 925 -1.06 7.78 -9.09
N LEU A 926 -2.23 7.83 -9.74
CA LEU A 926 -2.33 8.49 -11.03
C LEU A 926 -2.28 10.00 -10.94
N TRP A 927 -2.67 10.58 -9.81
CA TRP A 927 -2.75 12.04 -9.71
C TRP A 927 -1.79 12.63 -8.68
N HIS A 928 -1.82 12.15 -7.44
CA HIS A 928 -0.96 12.74 -6.42
C HIS A 928 0.50 12.41 -6.68
N GLY A 929 0.80 11.14 -6.94
CA GLY A 929 2.19 10.76 -7.16
C GLY A 929 2.76 11.30 -8.46
N ARG A 930 1.98 11.26 -9.54
CA ARG A 930 2.48 11.77 -10.81
C ARG A 930 2.78 13.26 -10.71
N ASN A 931 1.88 14.02 -10.08
CA ASN A 931 2.13 15.44 -9.86
C ASN A 931 3.35 15.64 -8.96
N SER A 932 3.50 14.81 -7.93
CA SER A 932 4.65 14.93 -7.05
C SER A 932 5.97 14.75 -7.82
N TYR A 933 6.04 13.71 -8.64
CA TYR A 933 7.25 13.46 -9.42
C TYR A 933 7.51 14.57 -10.42
N LYS A 934 6.47 15.03 -11.12
CA LYS A 934 6.66 16.11 -12.10
C LYS A 934 7.13 17.39 -11.42
N ARG A 935 6.52 17.73 -10.28
CA ARG A 935 6.90 18.95 -9.57
C ARG A 935 8.31 18.87 -9.03
N SER A 936 8.72 17.72 -8.50
CA SER A 936 10.09 17.59 -8.01
C SER A 936 11.09 17.66 -9.15
N ALA A 937 10.77 17.07 -10.30
CA ALA A 937 11.67 17.16 -11.45
C ALA A 937 11.83 18.59 -11.92
N LYS A 938 10.72 19.33 -12.02
CA LYS A 938 10.82 20.73 -12.44
C LYS A 938 11.55 21.58 -11.41
N LEU A 939 11.34 21.30 -10.12
CA LEU A 939 12.04 21.98 -9.05
C LEU A 939 13.55 21.80 -9.16
N ALA A 940 13.99 20.55 -9.33
CA ALA A 940 15.42 20.28 -9.46
C ALA A 940 15.99 20.91 -10.72
N GLN A 941 15.22 20.88 -11.82
CA GLN A 941 15.65 21.52 -13.05
C GLN A 941 15.91 23.00 -12.83
N PHE A 942 14.99 23.69 -12.17
CA PHE A 942 15.12 25.14 -12.01
C PHE A 942 16.25 25.50 -11.05
N VAL A 943 16.41 24.72 -9.97
CA VAL A 943 17.49 24.99 -9.03
C VAL A 943 18.85 24.83 -9.70
N MET A 944 19.04 23.71 -10.41
CA MET A 944 20.32 23.48 -11.06
C MET A 944 20.55 24.48 -12.19
N HIS A 945 19.48 24.92 -12.86
CA HIS A 945 19.65 25.95 -13.88
C HIS A 945 20.15 27.26 -13.29
N ARG A 946 19.57 27.69 -12.16
CA ARG A 946 20.01 28.96 -11.59
C ARG A 946 21.46 28.87 -11.09
N GLY A 947 21.83 27.75 -10.48
CA GLY A 947 23.20 27.60 -10.04
C GLY A 947 24.18 27.58 -11.20
N LEU A 948 23.84 26.85 -12.27
CA LEU A 948 24.73 26.79 -13.42
C LEU A 948 24.79 28.13 -14.14
N ILE A 949 23.71 28.90 -14.17
CA ILE A 949 23.76 30.18 -14.87
C ILE A 949 24.62 31.18 -14.11
N ILE A 950 24.58 31.17 -12.77
CA ILE A 950 25.50 32.06 -12.08
C ILE A 950 26.94 31.58 -12.22
N ALA A 951 27.16 30.26 -12.22
CA ALA A 951 28.51 29.74 -12.43
C ALA A 951 29.05 30.12 -13.81
N ILE A 952 28.19 30.08 -14.83
CA ILE A 952 28.62 30.43 -16.18
C ILE A 952 28.91 31.92 -16.28
N CYS A 953 28.10 32.76 -15.64
CA CYS A 953 28.40 34.20 -15.65
C CYS A 953 29.74 34.49 -14.98
N GLN A 954 30.01 33.83 -13.84
CA GLN A 954 31.30 34.01 -13.20
C GLN A 954 32.45 33.51 -14.08
N ALA A 955 32.27 32.37 -14.74
CA ALA A 955 33.34 31.83 -15.57
C ALA A 955 33.62 32.69 -16.80
N VAL A 956 32.57 33.27 -17.38
CA VAL A 956 32.76 34.17 -18.52
C VAL A 956 33.45 35.46 -18.08
N TYR A 957 33.12 35.96 -16.88
CA TYR A 957 33.88 37.08 -16.34
C TYR A 957 35.34 36.70 -16.12
N SER A 958 35.59 35.46 -15.72
CA SER A 958 36.98 35.01 -15.54
C SER A 958 37.73 34.95 -16.86
N ILE A 959 37.09 34.46 -17.92
CA ILE A 959 37.80 34.38 -19.20
C ILE A 959 37.99 35.75 -19.81
N CYS A 960 37.03 36.66 -19.62
CA CYS A 960 37.16 37.99 -20.20
C CYS A 960 38.02 38.94 -19.38
N SER A 961 38.38 38.57 -18.16
CA SER A 961 39.22 39.40 -17.32
C SER A 961 39.98 38.48 -16.36
N LEU A 962 41.29 38.54 -16.42
CA LEU A 962 42.12 37.55 -15.74
C LEU A 962 42.10 37.66 -14.22
N PHE A 963 41.35 38.52 -13.51
CA PHE A 963 41.52 38.59 -12.06
C PHE A 963 41.07 37.32 -11.35
N GLU A 964 39.74 37.16 -11.18
CA GLU A 964 39.03 36.07 -10.49
C GLU A 964 37.53 36.23 -10.70
N PRO A 965 36.78 35.13 -10.83
CA PRO A 965 35.32 35.21 -10.74
C PRO A 965 34.80 35.33 -9.33
N ILE A 966 35.59 34.97 -8.33
CA ILE A 966 35.19 35.19 -6.94
C ILE A 966 34.95 36.67 -6.70
N ALA A 967 35.77 37.53 -7.29
CA ALA A 967 35.63 38.96 -7.16
C ALA A 967 34.37 39.51 -7.82
N LEU A 968 33.69 38.74 -8.66
CA LEU A 968 32.52 39.24 -9.36
C LEU A 968 31.37 39.48 -8.41
N TYR A 969 30.88 38.42 -7.76
CA TYR A 969 29.78 38.52 -6.81
C TYR A 969 30.36 38.30 -5.41
N GLN A 970 30.60 39.41 -4.71
CA GLN A 970 31.22 39.38 -3.39
C GLN A 970 30.25 39.93 -2.35
N GLY A 971 30.15 39.24 -1.23
CA GLY A 971 29.41 39.77 -0.08
C GLY A 971 27.92 39.44 -0.14
N TRP A 972 27.10 40.48 -0.12
CA TRP A 972 25.65 40.29 0.01
C TRP A 972 25.05 39.65 -1.24
N LEU A 973 25.55 40.04 -2.43
CA LEU A 973 24.89 39.66 -3.67
C LEU A 973 24.83 38.15 -3.84
N MET A 974 25.93 37.46 -3.56
CA MET A 974 25.97 36.01 -3.79
C MET A 974 25.08 35.28 -2.80
N VAL A 975 25.10 35.68 -1.53
CA VAL A 975 24.22 35.07 -0.53
C VAL A 975 22.76 35.33 -0.88
N GLY A 976 22.45 36.54 -1.34
CA GLY A 976 21.09 36.88 -1.69
C GLY A 976 20.58 36.05 -2.86
N TYR A 977 21.41 35.88 -3.89
CA TYR A 977 21.01 35.02 -4.99
C TYR A 977 20.86 33.57 -4.54
N ALA A 978 21.77 33.10 -3.69
CA ALA A 978 21.73 31.71 -3.27
C ALA A 978 20.49 31.39 -2.45
N THR A 979 20.08 32.30 -1.56
CA THR A 979 18.98 32.03 -0.65
C THR A 979 17.75 32.92 -0.90
N CYS A 980 17.89 34.23 -0.81
CA CYS A 980 16.70 35.07 -0.64
C CYS A 980 15.99 35.37 -1.96
N TYR A 981 16.74 35.76 -2.99
CA TYR A 981 16.13 36.25 -4.22
C TYR A 981 15.53 35.14 -5.09
N THR A 982 15.75 33.88 -4.77
CA THR A 982 15.36 32.80 -5.68
C THR A 982 14.63 31.63 -5.02
N MET A 983 14.50 31.56 -3.69
CA MET A 983 13.93 30.37 -3.08
C MET A 983 12.42 30.29 -3.30
N ALA A 984 11.76 31.42 -3.50
CA ALA A 984 10.30 31.48 -3.49
C ALA A 984 9.63 31.02 -4.79
N PRO A 985 10.10 31.42 -5.99
CA PRO A 985 9.42 30.94 -7.20
C PRO A 985 9.63 29.46 -7.49
N VAL A 986 10.67 28.82 -6.96
CA VAL A 986 10.79 27.37 -7.09
C VAL A 986 9.65 26.67 -6.35
N PHE A 987 9.33 27.16 -5.14
CA PHE A 987 8.18 26.59 -4.45
C PHE A 987 6.87 27.09 -5.01
N SER A 988 6.89 28.18 -5.77
CA SER A 988 5.74 28.49 -6.63
C SER A 988 5.53 27.37 -7.65
N LEU A 989 6.61 26.87 -8.25
CA LEU A 989 6.50 25.67 -9.10
C LEU A 989 6.02 24.46 -8.33
N THR A 990 6.37 24.35 -7.04
CA THR A 990 5.97 23.18 -6.27
C THR A 990 4.45 23.04 -6.15
N LEU A 991 3.69 24.12 -6.27
CA LEU A 991 2.23 24.09 -6.13
C LEU A 991 1.51 24.19 -7.46
N ASP A 992 2.02 23.56 -8.51
CA ASP A 992 1.39 23.61 -9.83
C ASP A 992 1.17 22.20 -10.37
N HIS A 993 0.06 22.03 -11.08
CA HIS A 993 -0.30 20.75 -11.68
C HIS A 993 -0.77 20.98 -13.10
N ASP A 994 -0.53 20.00 -13.97
CA ASP A 994 -0.90 20.13 -15.38
C ASP A 994 -2.37 19.79 -15.60
N ILE A 995 -2.85 18.68 -15.04
CA ILE A 995 -4.23 18.25 -15.18
C ILE A 995 -4.87 18.21 -13.80
N GLU A 996 -6.18 18.42 -13.77
CA GLU A 996 -6.90 18.52 -12.51
C GLU A 996 -7.15 17.14 -11.92
N GLU A 997 -7.74 17.12 -10.72
CA GLU A 997 -8.06 15.85 -10.09
C GLU A 997 -9.25 15.17 -10.73
N SER A 998 -10.17 15.95 -11.31
CA SER A 998 -11.37 15.37 -11.91
C SER A 998 -11.06 14.63 -13.21
N LEU A 999 -9.94 14.93 -13.87
CA LEU A 999 -9.60 14.32 -15.14
C LEU A 999 -8.46 13.31 -15.02
N THR A 1000 -8.19 12.82 -13.82
CA THR A 1000 -7.24 11.71 -13.67
C THR A 1000 -7.89 10.38 -14.00
N LYS A 1001 -9.19 10.37 -14.25
CA LYS A 1001 -9.93 9.17 -14.61
C LYS A 1001 -10.04 8.98 -16.12
N ILE A 1002 -10.31 10.05 -16.85
CA ILE A 1002 -10.55 9.94 -18.29
C ILE A 1002 -9.26 9.73 -19.06
N TYR A 1003 -8.13 10.16 -18.49
CA TYR A 1003 -6.83 10.09 -19.18
C TYR A 1003 -5.82 9.35 -18.31
N PRO A 1004 -5.90 8.02 -18.25
CA PRO A 1004 -4.85 7.25 -17.56
C PRO A 1004 -3.58 7.09 -18.36
N GLU A 1005 -3.56 7.52 -19.63
CA GLU A 1005 -2.38 7.38 -20.46
C GLU A 1005 -1.28 8.38 -20.11
N LEU A 1006 -1.61 9.46 -19.39
CA LEU A 1006 -0.61 10.41 -18.96
C LEU A 1006 0.38 9.79 -17.98
N TYR A 1007 -0.02 8.74 -17.26
CA TYR A 1007 0.90 8.05 -16.37
C TYR A 1007 1.96 7.28 -17.11
N LYS A 1008 1.70 6.89 -18.35
CA LYS A 1008 2.66 6.09 -19.12
C LYS A 1008 3.84 6.93 -19.61
N GLU A 1009 3.64 8.23 -19.82
CA GLU A 1009 4.66 9.06 -20.45
C GLU A 1009 5.87 9.33 -19.55
N LEU A 1010 5.81 8.96 -18.28
CA LEU A 1010 6.92 9.16 -17.37
C LEU A 1010 7.79 7.92 -17.20
N THR A 1011 7.50 6.82 -17.89
CA THR A 1011 8.20 5.58 -17.60
C THR A 1011 9.62 5.55 -18.16
N GLU A 1012 9.93 6.40 -19.15
CA GLU A 1012 11.28 6.40 -19.70
C GLU A 1012 12.27 7.06 -18.75
N GLY A 1013 11.88 8.17 -18.14
CA GLY A 1013 12.79 8.93 -17.29
C GLY A 1013 13.22 10.22 -17.97
N LYS A 1014 12.38 10.73 -18.87
CA LYS A 1014 12.71 11.93 -19.64
C LYS A 1014 12.72 13.17 -18.76
N SER A 1015 12.06 13.15 -17.61
CA SER A 1015 12.06 14.32 -16.72
C SER A 1015 13.45 14.59 -16.15
N LEU A 1016 14.12 13.55 -15.64
CA LEU A 1016 15.49 13.65 -15.14
C LEU A 1016 16.31 12.58 -15.84
N SER A 1017 16.79 12.90 -17.03
CA SER A 1017 17.66 12.04 -17.80
C SER A 1017 18.97 12.75 -18.05
N TYR A 1018 19.95 11.99 -18.55
CA TYR A 1018 21.25 12.58 -18.83
C TYR A 1018 21.17 13.54 -20.00
N LYS A 1019 20.35 13.21 -20.99
CA LYS A 1019 20.17 14.08 -22.15
C LYS A 1019 19.55 15.41 -21.75
N THR A 1020 18.52 15.37 -20.90
CA THR A 1020 17.89 16.64 -20.49
C THR A 1020 18.74 17.38 -19.47
N PHE A 1021 19.56 16.67 -18.68
CA PHE A 1021 20.52 17.36 -17.83
C PHE A 1021 21.54 18.13 -18.66
N PHE A 1022 22.03 17.50 -19.74
CA PHE A 1022 22.99 18.20 -20.60
C PHE A 1022 22.30 19.28 -21.42
N VAL A 1023 21.00 19.13 -21.70
CA VAL A 1023 20.25 20.22 -22.30
C VAL A 1023 20.18 21.41 -21.35
N TRP A 1024 19.95 21.14 -20.05
CA TRP A 1024 20.00 22.22 -19.07
C TRP A 1024 21.37 22.85 -19.00
N VAL A 1025 22.43 22.02 -19.06
CA VAL A 1025 23.79 22.53 -18.98
C VAL A 1025 24.11 23.41 -20.19
N LEU A 1026 23.70 22.98 -21.38
CA LEU A 1026 23.94 23.76 -22.59
C LEU A 1026 23.11 25.03 -22.59
N LEU A 1027 21.87 24.96 -22.07
CA LEU A 1027 21.05 26.16 -21.94
C LEU A 1027 21.66 27.15 -20.96
N SER A 1028 22.21 26.65 -19.86
CA SER A 1028 22.91 27.52 -18.92
C SER A 1028 24.15 28.12 -19.54
N LEU A 1029 24.92 27.32 -20.30
CA LEU A 1029 26.05 27.84 -21.04
C LEU A 1029 25.64 29.01 -21.93
N PHE A 1030 24.62 28.79 -22.75
CA PHE A 1030 24.16 29.84 -23.66
C PHE A 1030 23.70 31.07 -22.91
N GLN A 1031 22.81 30.89 -21.93
CA GLN A 1031 22.18 32.03 -21.29
C GLN A 1031 23.17 32.81 -20.43
N GLY A 1032 23.98 32.11 -19.63
CA GLY A 1032 24.97 32.80 -18.83
C GLY A 1032 26.03 33.49 -19.67
N SER A 1033 26.44 32.86 -20.78
CA SER A 1033 27.36 33.51 -21.69
C SER A 1033 26.76 34.77 -22.27
N VAL A 1034 25.48 34.72 -22.67
CA VAL A 1034 24.82 35.92 -23.18
C VAL A 1034 24.78 37.01 -22.12
N ILE A 1035 24.39 36.65 -20.89
CA ILE A 1035 24.28 37.65 -19.83
C ILE A 1035 25.61 38.32 -19.58
N GLN A 1036 26.67 37.53 -19.37
CA GLN A 1036 27.95 38.12 -19.02
C GLN A 1036 28.56 38.90 -20.18
N LEU A 1037 28.54 38.32 -21.38
CA LEU A 1037 29.18 38.97 -22.52
C LEU A 1037 28.42 40.22 -22.95
N PHE A 1038 27.09 40.20 -22.93
CA PHE A 1038 26.35 41.41 -23.26
C PHE A 1038 26.49 42.47 -22.18
N SER A 1039 26.61 42.06 -20.91
CA SER A 1039 26.89 43.03 -19.86
C SER A 1039 28.24 43.69 -20.09
N GLN A 1040 29.25 42.90 -20.45
CA GLN A 1040 30.57 43.48 -20.73
C GLN A 1040 30.54 44.39 -21.95
N ALA A 1041 29.78 44.02 -22.98
CA ALA A 1041 29.71 44.84 -24.18
C ALA A 1041 28.97 46.14 -23.94
N PHE A 1042 27.93 46.10 -23.09
CA PHE A 1042 27.14 47.29 -22.81
C PHE A 1042 27.70 48.15 -21.69
N THR A 1043 28.67 47.65 -20.93
CA THR A 1043 29.22 48.41 -19.81
C THR A 1043 30.66 48.84 -20.00
N SER A 1044 31.35 48.36 -21.04
CA SER A 1044 32.73 48.74 -21.35
C SER A 1044 33.65 48.44 -20.15
N LEU A 1045 33.80 47.14 -19.91
CA LEU A 1045 34.52 46.56 -18.77
C LEU A 1045 35.84 47.27 -18.46
N LEU A 1046 35.93 47.81 -17.25
CA LEU A 1046 37.15 48.37 -16.69
C LEU A 1046 37.13 48.10 -15.18
N ASP A 1047 38.00 48.78 -14.44
CA ASP A 1047 37.96 48.74 -13.00
C ASP A 1047 37.08 49.83 -12.40
N THR A 1048 36.56 50.74 -13.22
CA THR A 1048 35.64 51.77 -12.76
C THR A 1048 34.20 51.46 -13.13
N ASP A 1049 33.97 50.71 -14.21
CA ASP A 1049 32.63 50.26 -14.59
C ASP A 1049 32.29 48.90 -13.99
N PHE A 1050 33.08 48.43 -13.02
CA PHE A 1050 32.83 47.14 -12.41
C PHE A 1050 31.48 47.09 -11.70
N THR A 1051 31.15 48.16 -10.96
CA THR A 1051 29.88 48.18 -10.23
C THR A 1051 28.69 48.16 -11.19
N ARG A 1052 28.77 48.94 -12.27
CA ARG A 1052 27.68 48.96 -13.25
C ARG A 1052 27.51 47.60 -13.91
N MET A 1053 28.62 46.93 -14.25
CA MET A 1053 28.50 45.67 -14.95
C MET A 1053 28.01 44.57 -14.01
N VAL A 1054 28.46 44.56 -12.75
CA VAL A 1054 27.95 43.53 -11.85
C VAL A 1054 26.49 43.80 -11.52
N ALA A 1055 26.09 45.07 -11.52
CA ALA A 1055 24.68 45.41 -11.32
C ALA A 1055 23.82 44.88 -12.46
N ILE A 1056 24.23 45.15 -13.70
CA ILE A 1056 23.42 44.70 -14.83
C ILE A 1056 23.45 43.17 -14.94
N SER A 1057 24.57 42.53 -14.58
CA SER A 1057 24.63 41.07 -14.61
C SER A 1057 23.71 40.46 -13.56
N PHE A 1058 23.73 40.97 -12.34
CA PHE A 1058 22.87 40.43 -11.29
C PHE A 1058 21.39 40.67 -11.59
N THR A 1059 21.06 41.86 -12.09
CA THR A 1059 19.67 42.12 -12.46
C THR A 1059 19.22 41.21 -13.59
N ALA A 1060 20.09 41.00 -14.58
CA ALA A 1060 19.75 40.10 -15.68
C ALA A 1060 19.54 38.67 -15.18
N LEU A 1061 20.38 38.19 -14.26
CA LEU A 1061 20.17 36.86 -13.69
C LEU A 1061 18.85 36.76 -12.95
N VAL A 1062 18.54 37.76 -12.13
CA VAL A 1062 17.32 37.69 -11.32
C VAL A 1062 16.08 37.72 -12.19
N VAL A 1063 16.02 38.66 -13.14
CA VAL A 1063 14.85 38.70 -14.01
C VAL A 1063 14.81 37.50 -14.94
N ASN A 1064 15.97 36.94 -15.29
CA ASN A 1064 15.98 35.73 -16.10
C ASN A 1064 15.34 34.57 -15.36
N GLU A 1065 15.67 34.41 -14.08
CA GLU A 1065 15.04 33.35 -13.29
C GLU A 1065 13.55 33.62 -13.10
N LEU A 1066 13.18 34.87 -12.83
CA LEU A 1066 11.77 35.17 -12.58
C LEU A 1066 10.93 35.12 -13.85
N ILE A 1067 11.55 35.15 -15.03
CA ILE A 1067 10.81 34.93 -16.27
C ILE A 1067 10.77 33.46 -16.63
N MET A 1068 11.87 32.74 -16.42
CA MET A 1068 11.89 31.30 -16.63
C MET A 1068 10.91 30.59 -15.71
N VAL A 1069 10.67 31.12 -14.52
CA VAL A 1069 9.64 30.55 -13.65
C VAL A 1069 8.26 30.71 -14.27
N ALA A 1070 7.96 31.90 -14.79
CA ALA A 1070 6.66 32.13 -15.40
C ALA A 1070 6.49 31.42 -16.72
N LEU A 1071 7.59 30.97 -17.34
CA LEU A 1071 7.46 30.29 -18.62
C LEU A 1071 6.94 28.85 -18.47
N GLU A 1072 7.43 28.12 -17.48
CA GLU A 1072 7.09 26.71 -17.29
C GLU A 1072 5.99 26.50 -16.25
N ILE A 1073 5.00 27.39 -16.20
CA ILE A 1073 3.83 27.24 -15.35
C ILE A 1073 2.68 26.76 -16.21
N TYR A 1074 2.07 25.64 -15.82
CA TYR A 1074 0.95 25.09 -16.59
C TYR A 1074 -0.32 25.91 -16.38
N THR A 1075 -0.81 25.96 -15.15
CA THR A 1075 -2.00 26.72 -14.79
C THR A 1075 -1.63 27.73 -13.71
N TRP A 1076 -2.28 28.89 -13.76
CA TRP A 1076 -1.96 30.01 -12.88
C TRP A 1076 -2.95 30.06 -11.72
N ASN A 1077 -2.42 29.98 -10.50
CA ASN A 1077 -3.19 30.20 -9.29
C ASN A 1077 -2.76 31.53 -8.66
N LYS A 1078 -3.31 31.82 -7.48
CA LYS A 1078 -2.97 33.04 -6.76
C LYS A 1078 -1.89 32.83 -5.72
N THR A 1079 -1.40 31.60 -5.57
CA THR A 1079 -0.21 31.34 -4.76
C THR A 1079 1.06 31.39 -5.57
N MET A 1080 0.96 31.64 -6.87
CA MET A 1080 2.08 31.67 -7.79
C MET A 1080 2.27 33.02 -8.46
N LEU A 1081 1.18 33.64 -8.91
CA LEU A 1081 1.25 35.00 -9.43
C LEU A 1081 1.63 36.00 -8.35
N VAL A 1082 1.38 35.68 -7.09
CA VAL A 1082 1.72 36.56 -5.98
C VAL A 1082 3.15 36.34 -5.52
N THR A 1083 3.63 35.10 -5.53
CA THR A 1083 4.99 34.80 -5.07
C THR A 1083 6.04 35.45 -5.97
N GLU A 1084 5.84 35.39 -7.29
CA GLU A 1084 6.77 36.01 -8.22
C GLU A 1084 6.83 37.52 -8.00
N ILE A 1085 5.67 38.15 -7.87
CA ILE A 1085 5.62 39.60 -7.68
C ILE A 1085 6.25 39.97 -6.34
N ALA A 1086 6.03 39.15 -5.30
CA ALA A 1086 6.62 39.41 -4.00
C ALA A 1086 8.14 39.36 -4.07
N THR A 1087 8.69 38.35 -4.75
CA THR A 1087 10.15 38.26 -4.84
C THR A 1087 10.73 39.38 -5.70
N LEU A 1088 10.05 39.72 -6.80
CA LEU A 1088 10.51 40.81 -7.65
C LEU A 1088 10.53 42.14 -6.91
N LEU A 1089 9.45 42.43 -6.16
CA LEU A 1089 9.40 43.65 -5.37
C LEU A 1089 10.41 43.61 -4.24
N PHE A 1090 10.68 42.43 -3.67
CA PHE A 1090 11.72 42.32 -2.65
C PHE A 1090 13.08 42.68 -3.22
N TYR A 1091 13.39 42.21 -4.43
CA TYR A 1091 14.64 42.59 -5.07
C TYR A 1091 14.69 44.09 -5.35
N ILE A 1092 13.58 44.65 -5.83
CA ILE A 1092 13.53 46.07 -6.19
C ILE A 1092 13.78 46.94 -4.96
N VAL A 1093 13.15 46.62 -3.83
CA VAL A 1093 13.34 47.41 -2.62
C VAL A 1093 14.55 46.95 -1.81
N SER A 1094 15.25 45.89 -2.25
CA SER A 1094 16.44 45.45 -1.56
C SER A 1094 17.73 45.86 -2.24
N VAL A 1095 17.69 46.29 -3.49
CA VAL A 1095 18.91 46.80 -4.13
C VAL A 1095 19.43 48.04 -3.40
N PRO A 1096 18.68 49.16 -3.26
CA PRO A 1096 19.29 50.34 -2.64
C PRO A 1096 19.39 50.25 -1.13
N PHE A 1097 18.32 49.80 -0.48
CA PHE A 1097 18.17 49.99 0.97
C PHE A 1097 19.02 49.04 1.79
N LEU A 1098 19.35 47.85 1.28
CA LEU A 1098 20.15 46.89 2.02
C LEU A 1098 21.63 46.99 1.67
N GLY A 1099 21.98 46.82 0.39
CA GLY A 1099 23.37 46.80 0.00
C GLY A 1099 24.05 48.15 0.11
N ASP A 1100 23.68 49.08 -0.77
CA ASP A 1100 24.13 50.48 -0.82
C ASP A 1100 25.63 50.63 -1.12
N TYR A 1101 26.39 49.55 -1.20
CA TYR A 1101 27.80 49.59 -1.56
C TYR A 1101 28.10 48.82 -2.82
N PHE A 1102 27.66 47.57 -2.90
CA PHE A 1102 27.82 46.77 -4.11
C PHE A 1102 26.93 47.29 -5.22
N ASP A 1103 27.28 46.91 -6.44
CA ASP A 1103 26.51 47.04 -7.69
C ASP A 1103 25.68 48.32 -7.80
N LEU A 1104 26.25 49.44 -7.39
CA LEU A 1104 25.52 50.70 -7.44
C LEU A 1104 25.64 51.34 -8.81
N GLY A 1105 24.60 52.08 -9.19
CA GLY A 1105 24.58 52.71 -10.49
C GLY A 1105 23.48 53.74 -10.59
N TYR A 1106 23.48 54.45 -11.72
CA TYR A 1106 22.48 55.48 -11.96
C TYR A 1106 21.09 54.87 -12.12
N MET A 1107 20.97 53.86 -12.99
CA MET A 1107 19.84 52.94 -13.10
C MET A 1107 18.56 53.56 -13.64
N THR A 1108 18.49 54.89 -13.71
CA THR A 1108 17.37 55.57 -14.36
C THR A 1108 17.76 56.04 -15.76
N THR A 1109 18.22 55.08 -16.55
CA THR A 1109 18.74 55.34 -17.89
C THR A 1109 17.86 54.64 -18.92
N VAL A 1110 17.52 55.36 -19.99
CA VAL A 1110 16.80 54.72 -21.10
C VAL A 1110 17.69 53.67 -21.76
N ASN A 1111 18.99 53.96 -21.88
CA ASN A 1111 19.92 53.02 -22.49
C ASN A 1111 20.04 51.74 -21.66
N TYR A 1112 20.08 51.88 -20.33
CA TYR A 1112 20.20 50.70 -19.48
C TYR A 1112 18.98 49.81 -19.59
N TYR A 1113 17.79 50.39 -19.68
CA TYR A 1113 16.59 49.56 -19.77
C TYR A 1113 16.48 48.87 -21.11
N ALA A 1114 16.89 49.54 -22.19
CA ALA A 1114 16.94 48.89 -23.49
C ALA A 1114 17.97 47.76 -23.51
N GLY A 1115 19.13 47.99 -22.88
CA GLY A 1115 20.12 46.93 -22.78
C GLY A 1115 19.63 45.74 -21.97
N LEU A 1116 18.91 46.01 -20.88
CA LEU A 1116 18.32 44.93 -20.09
C LEU A 1116 17.27 44.18 -20.87
N LEU A 1117 16.44 44.89 -21.63
CA LEU A 1117 15.43 44.23 -22.47
C LEU A 1117 16.09 43.34 -23.51
N VAL A 1118 17.17 43.80 -24.13
CA VAL A 1118 17.86 43.00 -25.14
C VAL A 1118 18.50 41.77 -24.50
N ILE A 1119 19.22 41.97 -23.39
CA ILE A 1119 19.95 40.89 -22.76
C ILE A 1119 19.00 39.85 -22.16
N LEU A 1120 17.77 40.25 -21.86
CA LEU A 1120 16.78 39.30 -21.37
C LEU A 1120 16.02 38.62 -22.51
N LEU A 1121 15.71 39.35 -23.58
CA LEU A 1121 15.01 38.77 -24.72
C LEU A 1121 15.87 37.70 -25.39
N ILE A 1122 17.18 37.97 -25.54
CA ILE A 1122 18.05 36.99 -26.17
C ILE A 1122 18.16 35.74 -25.30
N SER A 1123 18.07 35.90 -23.98
CA SER A 1123 18.16 34.75 -23.08
C SER A 1123 16.87 33.95 -23.02
N ILE A 1124 15.70 34.60 -23.15
CA ILE A 1124 14.43 33.91 -22.95
C ILE A 1124 13.72 33.57 -24.25
N PHE A 1125 14.27 33.97 -25.40
CA PHE A 1125 13.62 33.62 -26.66
C PHE A 1125 13.86 32.17 -27.10
N PRO A 1126 15.08 31.62 -26.97
CA PRO A 1126 15.26 30.20 -27.34
C PRO A 1126 14.35 29.24 -26.58
N VAL A 1127 14.19 29.41 -25.26
CA VAL A 1127 13.35 28.49 -24.52
C VAL A 1127 11.88 28.66 -24.87
N TRP A 1128 11.44 29.91 -25.06
CA TRP A 1128 10.05 30.16 -25.44
C TRP A 1128 9.74 29.55 -26.79
N THR A 1129 10.62 29.74 -27.77
CA THR A 1129 10.34 29.20 -29.09
C THR A 1129 10.51 27.68 -29.11
N ALA A 1130 11.40 27.12 -28.30
CA ALA A 1130 11.54 25.67 -28.23
C ALA A 1130 10.30 25.02 -27.65
N LYS A 1131 9.76 25.59 -26.56
CA LYS A 1131 8.53 25.03 -26.02
C LYS A 1131 7.33 25.30 -26.92
N ALA A 1132 7.34 26.40 -27.66
CA ALA A 1132 6.26 26.66 -28.61
C ALA A 1132 6.25 25.62 -29.72
N ILE A 1133 7.42 25.31 -30.29
CA ILE A 1133 7.44 24.32 -31.36
C ILE A 1133 7.19 22.92 -30.80
N TYR A 1134 7.64 22.63 -29.57
CA TYR A 1134 7.33 21.32 -29.01
C TYR A 1134 5.85 21.18 -28.68
N ARG A 1135 5.18 22.29 -28.38
CA ARG A 1135 3.74 22.25 -28.15
C ARG A 1135 2.99 22.11 -29.48
N ARG A 1136 3.47 22.74 -30.54
CA ARG A 1136 2.76 22.70 -31.82
C ARG A 1136 3.12 21.49 -32.66
N LEU A 1137 4.12 20.71 -32.28
CA LEU A 1137 4.37 19.42 -32.93
C LEU A 1137 4.00 18.22 -32.07
N HIS A 1138 3.94 18.38 -30.75
CA HIS A 1138 3.51 17.33 -29.84
C HIS A 1138 2.42 17.88 -28.94
N PRO A 1139 1.19 18.03 -29.44
CA PRO A 1139 0.12 18.59 -28.62
C PRO A 1139 -0.26 17.64 -27.49
N PRO A 1140 -0.70 18.15 -26.35
CA PRO A 1140 -1.08 17.29 -25.23
C PRO A 1140 -2.54 16.89 -25.25
N SER A 1141 -2.81 15.73 -24.66
CA SER A 1141 -4.17 15.21 -24.54
C SER A 1141 -4.26 14.21 -23.40
BE BEF B . 0.29 -11.78 0.41
F1 BEF B . 1.28 -11.74 1.59
F2 BEF B . -0.90 -10.80 0.59
F3 BEF B . -0.28 -13.20 0.26
MG MG C . -5.44 -9.36 4.24
#